data_4EG4
#
_entry.id   4EG4
#
_cell.length_a   87.478
_cell.length_b   105.892
_cell.length_c   207.553
_cell.angle_alpha   90.00
_cell.angle_beta   90.00
_cell.angle_gamma   90.00
#
_symmetry.space_group_name_H-M   'P 21 21 21'
#
loop_
_entity.id
_entity.type
_entity.pdbx_description
1 polymer 'Methionyl-tRNA synthetase, putative'
2 non-polymer GLYCEROL
3 non-polymer 'DIMETHYL SULFOXIDE'
4 non-polymer METHIONINE
5 non-polymer 'SULFATE ION'
6 non-polymer 2-({3-[(3,5-dibromo-2-ethoxybenzyl)amino]propyl}amino)quinolin-4(1H)-one
7 water water
#
_entity_poly.entity_id   1
_entity_poly.type   'polypeptide(L)'
_entity_poly.pdbx_seq_one_letter_code
;GPGSMKVEKVFFVTSPIYYVNAAPHIGHVYSTLITDVIGRYHRVKGERVFALTGTDEHGQKVAEAAKQKQVSPYDFTTAV
AGEFKK(CAS)FEQMDYSIDYFIRTTNEQHKAVVKELWTKLEQKGDIYLGRYEGWYSISDESFLTPQNITDGVDKDGNPC
KVSLESGHVVTWVSEENYMFRLSAFRERLLEWYHANPGCIVPEFRRREVIRAVEKGLPDLSVSRARATLHNWAIPVPGNP
DH(CAS)VYVWLDALTNYLTGSRLRVDESGKEVSLVDDFNELERFPADVHVIGKDILKFHAIYWPAFLLSAGLPLPKKIV
AHGWWTKDRKKISKSLGNVFDPVEKAEEFGYDALKYFLLRESGFSDDGDYSDKNMIARLNGELADTLGNLVMRCTSAKIN
VNGEWPSPAAYTEEDESLIQLIKDLPGTADHYYLIPDIQKAIIAVFDVLRAINAYVTDMAPWKLVKTDPERLRTVLYITL
EGVRVTTLLLSPILPRKSVVIFDMLGVPEVHRKGIENFEFGAVPPGTRLGPAVEGEVLFSKRSTENTKST
;
_entity_poly.pdbx_strand_id   A,B
#
# COMPACT_ATOMS: atom_id res chain seq x y z
N VAL A 7 -19.03 24.21 -8.94
CA VAL A 7 -19.98 24.73 -7.90
C VAL A 7 -19.44 24.48 -6.48
N GLU A 8 -19.09 25.57 -5.79
CA GLU A 8 -18.83 25.53 -4.35
C GLU A 8 -20.19 25.57 -3.70
N LYS A 9 -20.38 24.74 -2.68
CA LYS A 9 -21.69 24.38 -2.20
C LYS A 9 -21.48 23.83 -0.80
N VAL A 10 -22.54 23.64 -0.03
CA VAL A 10 -22.39 22.96 1.24
C VAL A 10 -22.41 21.45 0.98
N PHE A 11 -21.42 20.75 1.50
CA PHE A 11 -21.32 19.33 1.29
C PHE A 11 -22.37 18.71 2.17
N PHE A 12 -23.36 18.10 1.53
CA PHE A 12 -24.55 17.62 2.20
C PHE A 12 -24.53 16.08 2.23
N VAL A 13 -24.46 15.54 3.45
CA VAL A 13 -24.42 14.10 3.69
C VAL A 13 -25.54 13.71 4.66
N THR A 14 -26.10 12.53 4.48
CA THR A 14 -27.27 12.11 5.24
C THR A 14 -27.11 10.69 5.76
N SER A 15 -27.76 10.40 6.87
CA SER A 15 -28.04 9.03 7.25
C SER A 15 -29.45 8.77 6.77
N PRO A 16 -29.95 7.53 6.96
CA PRO A 16 -31.38 7.36 6.84
C PRO A 16 -32.00 7.94 8.09
N ILE A 17 -33.31 8.16 8.06
CA ILE A 17 -34.08 8.45 9.28
C ILE A 17 -34.76 7.14 9.73
N TYR A 18 -34.68 6.83 11.02
CA TYR A 18 -34.98 5.49 11.48
C TYR A 18 -36.40 5.35 12.04
N TYR A 19 -37.09 4.25 11.74
CA TYR A 19 -38.38 3.97 12.38
C TYR A 19 -38.18 3.97 13.90
N VAL A 20 -39.08 4.68 14.56
CA VAL A 20 -39.08 4.86 16.01
C VAL A 20 -39.88 3.75 16.73
N ASN A 21 -40.17 2.67 16.01
CA ASN A 21 -40.90 1.52 16.55
C ASN A 21 -40.23 0.83 17.77
N ALA A 22 -38.89 0.87 17.81
CA ALA A 22 -38.14 0.27 18.91
C ALA A 22 -36.93 1.14 19.25
N ALA A 23 -36.39 0.91 20.45
CA ALA A 23 -35.25 1.67 20.92
C ALA A 23 -34.08 1.51 19.97
N PRO A 24 -33.20 2.53 19.95
CA PRO A 24 -32.02 2.51 19.10
C PRO A 24 -30.99 1.46 19.51
N HIS A 25 -30.46 0.75 18.51
CA HIS A 25 -29.46 -0.29 18.69
C HIS A 25 -28.24 0.01 17.84
N ILE A 26 -27.25 -0.87 17.88
CA ILE A 26 -26.17 -0.83 16.90
C ILE A 26 -26.85 -0.82 15.54
N GLY A 27 -26.21 -0.30 14.51
CA GLY A 27 -26.81 -0.43 13.20
C GLY A 27 -27.52 0.81 12.79
N HIS A 28 -28.24 1.44 13.73
CA HIS A 28 -28.57 2.85 13.55
C HIS A 28 -27.27 3.56 13.76
N VAL A 29 -26.64 3.21 14.87
CA VAL A 29 -25.36 3.78 15.26
C VAL A 29 -24.33 3.64 14.12
N TYR A 30 -24.31 2.48 13.48
CA TYR A 30 -23.39 2.26 12.38
C TYR A 30 -23.73 3.20 11.24
N SER A 31 -25.00 3.21 10.84
CA SER A 31 -25.44 4.01 9.70
C SER A 31 -25.09 5.45 9.94
N THR A 32 -25.46 5.97 11.11
CA THR A 32 -25.18 7.36 11.42
C THR A 32 -23.68 7.62 11.61
N LEU A 33 -22.90 6.64 12.07
CA LEU A 33 -21.44 6.84 12.20
C LEU A 33 -20.78 7.08 10.84
N ILE A 34 -21.22 6.34 9.83
CA ILE A 34 -20.70 6.52 8.49
C ILE A 34 -20.98 7.96 8.01
N THR A 35 -22.22 8.40 8.16
CA THR A 35 -22.57 9.76 7.82
C THR A 35 -21.69 10.75 8.54
N ASP A 36 -21.52 10.54 9.84
CA ASP A 36 -20.70 11.40 10.69
C ASP A 36 -19.27 11.50 10.20
N VAL A 37 -18.67 10.33 9.95
CA VAL A 37 -17.30 10.26 9.43
C VAL A 37 -17.14 11.04 8.11
N ILE A 38 -18.01 10.75 7.14
CA ILE A 38 -17.96 11.40 5.84
C ILE A 38 -18.03 12.91 6.05
N GLY A 39 -18.97 13.36 6.87
CA GLY A 39 -19.05 14.78 7.20
C GLY A 39 -17.75 15.30 7.78
N ARG A 40 -17.26 14.62 8.82
CA ARG A 40 -16.08 15.06 9.57
C ARG A 40 -14.89 15.22 8.65
N TYR A 41 -14.71 14.29 7.72
CA TYR A 41 -13.59 14.34 6.79
C TYR A 41 -13.65 15.60 5.92
N HIS A 42 -14.84 15.93 5.39
CA HIS A 42 -14.96 17.09 4.53
C HIS A 42 -14.75 18.38 5.28
N ARG A 43 -14.99 18.35 6.58
CA ARG A 43 -14.71 19.50 7.43
C ARG A 43 -13.23 19.60 7.67
N VAL A 44 -12.57 18.46 7.82
CA VAL A 44 -11.11 18.42 7.96
C VAL A 44 -10.44 18.99 6.71
N LYS A 45 -11.07 18.76 5.56
CA LYS A 45 -10.68 19.41 4.30
C LYS A 45 -11.03 20.91 4.23
N GLY A 46 -11.82 21.39 5.18
CA GLY A 46 -12.14 22.81 5.28
C GLY A 46 -13.33 23.21 4.43
N GLU A 47 -14.13 22.23 4.03
CA GLU A 47 -15.33 22.47 3.26
C GLU A 47 -16.47 22.85 4.20
N ARG A 48 -17.53 23.40 3.64
CA ARG A 48 -18.77 23.57 4.40
C ARG A 48 -19.48 22.22 4.35
N VAL A 49 -19.99 21.78 5.50
CA VAL A 49 -20.69 20.51 5.59
C VAL A 49 -22.09 20.67 6.20
N PHE A 50 -22.99 19.76 5.85
CA PHE A 50 -24.23 19.64 6.59
C PHE A 50 -24.57 18.17 6.68
N ALA A 51 -24.34 17.60 7.86
CA ALA A 51 -24.68 16.21 8.12
C ALA A 51 -26.07 16.14 8.73
N LEU A 52 -26.94 15.32 8.15
CA LEU A 52 -28.31 15.18 8.63
C LEU A 52 -28.56 13.77 9.14
N THR A 53 -29.35 13.66 10.20
CA THR A 53 -29.85 12.36 10.66
C THR A 53 -31.21 12.58 11.34
N GLY A 54 -31.88 11.53 11.74
CA GLY A 54 -33.19 11.71 12.34
C GLY A 54 -34.05 10.47 12.43
N THR A 55 -35.34 10.71 12.66
CA THR A 55 -36.30 9.64 12.92
C THR A 55 -37.50 9.68 11.96
N ASP A 56 -37.98 8.50 11.59
CA ASP A 56 -39.10 8.30 10.67
C ASP A 56 -40.31 7.90 11.52
N GLU A 57 -41.21 8.85 11.78
CA GLU A 57 -42.14 8.73 12.90
C GLU A 57 -43.57 8.35 12.55
N HIS A 58 -43.96 8.54 11.30
CA HIS A 58 -45.32 8.20 10.88
C HIS A 58 -45.44 6.77 10.44
N GLY A 59 -46.69 6.36 10.22
CA GLY A 59 -46.95 5.10 9.57
C GLY A 59 -47.64 4.05 10.42
N GLN A 60 -47.91 2.95 9.75
CA GLN A 60 -48.58 1.82 10.32
C GLN A 60 -47.66 1.10 11.31
N LYS A 61 -46.51 0.68 10.80
CA LYS A 61 -45.47 0.06 11.62
C LYS A 61 -45.31 0.79 12.95
N VAL A 62 -45.12 2.10 12.88
CA VAL A 62 -44.84 2.90 14.08
C VAL A 62 -46.05 3.06 14.99
N ALA A 63 -47.23 3.22 14.40
CA ALA A 63 -48.48 3.34 15.17
C ALA A 63 -48.81 2.06 15.94
N GLU A 64 -48.57 0.92 15.28
CA GLU A 64 -48.93 -0.38 15.84
C GLU A 64 -47.96 -0.84 16.92
N ALA A 65 -46.75 -0.30 16.93
CA ALA A 65 -45.82 -0.50 18.03
C ALA A 65 -46.24 0.36 19.21
N ALA A 66 -46.81 1.53 18.92
CA ALA A 66 -47.30 2.43 19.95
C ALA A 66 -48.56 1.84 20.57
N LYS A 67 -49.37 1.21 19.74
CA LYS A 67 -50.59 0.56 20.20
C LYS A 67 -50.25 -0.68 21.04
N GLN A 68 -49.29 -1.48 20.57
CA GLN A 68 -48.86 -2.70 21.28
C GLN A 68 -48.21 -2.42 22.64
N LYS A 69 -47.92 -1.16 22.96
CA LYS A 69 -47.36 -0.78 24.26
C LYS A 69 -48.39 -0.02 25.10
N GLN A 70 -49.60 0.13 24.56
CA GLN A 70 -50.67 0.89 25.22
C GLN A 70 -50.23 2.34 25.46
N VAL A 71 -49.76 2.99 24.41
CA VAL A 71 -49.33 4.40 24.48
C VAL A 71 -49.80 5.17 23.24
N SER A 72 -50.06 6.46 23.40
CA SER A 72 -50.53 7.28 22.28
C SER A 72 -49.38 7.52 21.31
N PRO A 73 -49.68 7.53 20.01
CA PRO A 73 -48.63 7.74 19.00
C PRO A 73 -47.79 9.00 19.22
N TYR A 74 -48.42 10.08 19.66
CA TYR A 74 -47.73 11.35 19.93
C TYR A 74 -46.65 11.18 21.00
N ASP A 75 -47.04 10.58 22.12
CA ASP A 75 -46.15 10.37 23.25
C ASP A 75 -45.10 9.29 23.00
N PHE A 76 -45.45 8.30 22.18
CA PHE A 76 -44.55 7.18 21.89
C PHE A 76 -43.39 7.65 21.04
N THR A 77 -43.72 8.25 19.90
CA THR A 77 -42.72 8.74 18.99
C THR A 77 -41.79 9.72 19.69
N THR A 78 -42.37 10.69 20.40
CA THR A 78 -41.57 11.69 21.14
C THR A 78 -40.60 11.01 22.08
N ALA A 79 -41.10 10.03 22.82
CA ALA A 79 -40.26 9.25 23.72
C ALA A 79 -39.08 8.59 22.99
N VAL A 80 -39.39 7.75 22.01
CA VAL A 80 -38.37 6.99 21.28
C VAL A 80 -37.42 7.93 20.54
N ALA A 81 -37.96 8.97 19.93
CA ALA A 81 -37.12 9.99 19.30
C ALA A 81 -36.09 10.56 20.30
N GLY A 82 -36.52 10.80 21.53
CA GLY A 82 -35.63 11.29 22.58
C GLY A 82 -34.51 10.34 22.93
N GLU A 83 -34.78 9.03 22.84
CA GLU A 83 -33.79 8.00 23.09
C GLU A 83 -32.76 7.98 21.97
N PHE A 84 -33.21 8.19 20.73
CA PHE A 84 -32.31 8.30 19.58
C PHE A 84 -31.40 9.51 19.69
N LYS A 85 -31.94 10.64 20.14
CA LYS A 85 -31.13 11.82 20.39
C LYS A 85 -30.11 11.58 21.51
N LYS A 86 -30.55 10.97 22.60
CA LYS A 86 -29.64 10.67 23.71
C LYS A 86 -28.54 9.71 23.28
N PHE A 88 -27.35 9.22 20.19
CA PHE A 88 -26.41 9.89 19.28
C PHE A 88 -25.53 10.97 19.95
N GLU A 89 -26.05 11.62 20.98
CA GLU A 89 -25.25 12.53 21.79
C GLU A 89 -24.18 11.74 22.50
N GLN A 90 -24.59 10.62 23.08
CA GLN A 90 -23.67 9.79 23.84
C GLN A 90 -22.59 9.21 22.94
N MET A 91 -22.95 8.97 21.68
CA MET A 91 -21.99 8.49 20.69
C MET A 91 -21.01 9.56 20.21
N ASP A 92 -21.23 10.82 20.58
CA ASP A 92 -20.30 11.91 20.27
C ASP A 92 -20.11 12.09 18.75
N TYR A 93 -21.22 12.16 18.03
CA TYR A 93 -21.17 12.53 16.61
C TYR A 93 -21.11 14.05 16.48
N SER A 94 -20.80 14.50 15.27
CA SER A 94 -20.82 15.91 14.92
C SER A 94 -21.91 16.15 13.87
N ILE A 95 -23.14 15.76 14.19
CA ILE A 95 -24.26 15.91 13.27
C ILE A 95 -24.87 17.30 13.38
N ASP A 96 -25.07 17.95 12.25
CA ASP A 96 -25.59 19.31 12.20
C ASP A 96 -27.05 19.46 12.54
N TYR A 97 -27.85 18.42 12.30
CA TYR A 97 -29.27 18.49 12.66
C TYR A 97 -29.93 17.11 12.81
N PHE A 98 -30.89 17.03 13.73
CA PHE A 98 -31.72 15.85 13.96
C PHE A 98 -33.16 16.14 13.51
N ILE A 99 -33.58 15.53 12.40
CA ILE A 99 -34.89 15.82 11.84
C ILE A 99 -35.90 14.77 12.28
N ARG A 100 -37.14 15.22 12.49
CA ARG A 100 -38.25 14.30 12.78
C ARG A 100 -39.31 14.55 11.74
N THR A 101 -39.92 13.48 11.27
CA THR A 101 -40.94 13.62 10.24
C THR A 101 -42.29 14.11 10.80
N THR A 102 -42.43 14.19 12.13
CA THR A 102 -43.61 14.81 12.74
C THR A 102 -43.50 16.34 12.72
N ASN A 103 -42.27 16.84 12.61
CA ASN A 103 -42.02 18.27 12.54
C ASN A 103 -42.95 18.96 11.55
N GLU A 104 -43.61 20.03 11.99
CA GLU A 104 -44.59 20.73 11.13
C GLU A 104 -44.00 21.34 9.86
N GLN A 105 -42.72 21.71 9.89
CA GLN A 105 -42.08 22.26 8.69
C GLN A 105 -41.85 21.16 7.66
N HIS A 106 -41.57 19.95 8.14
CA HIS A 106 -41.44 18.80 7.25
C HIS A 106 -42.73 18.49 6.58
N LYS A 107 -43.79 18.39 7.39
CA LYS A 107 -45.12 18.12 6.87
C LYS A 107 -45.44 19.07 5.74
N ALA A 108 -45.07 20.34 5.94
CA ALA A 108 -45.26 21.41 4.95
C ALA A 108 -44.57 21.09 3.62
N VAL A 109 -43.34 20.57 3.70
CA VAL A 109 -42.53 20.22 2.52
C VAL A 109 -43.14 19.01 1.79
N VAL A 110 -43.68 18.05 2.54
CA VAL A 110 -44.28 16.88 1.93
C VAL A 110 -45.49 17.30 1.07
N LYS A 111 -46.35 18.12 1.65
CA LYS A 111 -47.51 18.63 0.93
C LYS A 111 -47.06 19.44 -0.29
N GLU A 112 -46.06 20.30 -0.09
CA GLU A 112 -45.48 21.06 -1.17
C GLU A 112 -45.04 20.13 -2.30
N LEU A 113 -44.30 19.09 -1.96
CA LEU A 113 -43.76 18.16 -2.96
C LEU A 113 -44.89 17.41 -3.66
N TRP A 114 -45.81 16.86 -2.88
CA TRP A 114 -46.95 16.13 -3.44
C TRP A 114 -47.63 16.91 -4.53
N THR A 115 -47.79 18.20 -4.30
CA THR A 115 -48.48 19.08 -5.23
C THR A 115 -47.66 19.29 -6.51
N LYS A 116 -46.33 19.35 -6.39
CA LYS A 116 -45.47 19.41 -7.58
C LYS A 116 -45.75 18.12 -8.34
N LEU A 117 -45.57 16.98 -7.68
CA LEU A 117 -45.79 15.69 -8.33
C LEU A 117 -47.18 15.65 -8.93
N GLU A 118 -48.20 16.14 -8.20
CA GLU A 118 -49.58 16.13 -8.72
C GLU A 118 -49.69 16.98 -9.96
N GLN A 119 -49.20 18.21 -9.87
CA GLN A 119 -49.35 19.18 -10.94
C GLN A 119 -48.64 18.80 -12.23
N LYS A 120 -47.56 18.03 -12.11
CA LYS A 120 -46.90 17.46 -13.31
C LYS A 120 -47.74 16.35 -13.96
N GLY A 121 -48.80 15.93 -13.29
CA GLY A 121 -49.65 14.87 -13.80
C GLY A 121 -48.96 13.54 -13.67
N ASP A 122 -48.19 13.37 -12.60
CA ASP A 122 -47.52 12.10 -12.30
C ASP A 122 -48.23 11.35 -11.17
N ILE A 123 -49.37 11.87 -10.70
CA ILE A 123 -50.20 11.13 -9.73
C ILE A 123 -51.64 10.99 -10.22
N TYR A 124 -52.18 9.77 -10.10
CA TYR A 124 -53.54 9.46 -10.52
C TYR A 124 -54.20 8.52 -9.51
N LEU A 125 -55.52 8.50 -9.50
CA LEU A 125 -56.26 7.69 -8.57
C LEU A 125 -56.41 6.33 -9.20
N GLY A 126 -55.98 5.30 -8.48
CA GLY A 126 -56.09 3.92 -8.92
C GLY A 126 -56.25 2.96 -7.77
N ARG A 127 -55.80 1.73 -7.97
CA ARG A 127 -55.81 0.70 -6.93
C ARG A 127 -54.46 0.00 -6.82
N TYR A 128 -54.13 -0.44 -5.61
CA TYR A 128 -53.08 -1.39 -5.43
C TYR A 128 -53.68 -2.66 -4.82
N GLU A 129 -53.61 -3.76 -5.56
CA GLU A 129 -54.05 -5.06 -5.06
C GLU A 129 -52.86 -6.01 -5.08
N GLY A 130 -52.18 -6.10 -3.96
CA GLY A 130 -50.97 -6.91 -3.92
C GLY A 130 -50.43 -7.00 -2.52
N TRP A 131 -49.20 -7.49 -2.41
CA TRP A 131 -48.60 -7.79 -1.12
C TRP A 131 -47.91 -6.62 -0.51
N TYR A 132 -47.81 -6.65 0.82
CA TYR A 132 -47.20 -5.57 1.57
C TYR A 132 -46.56 -6.08 2.85
N SER A 133 -45.31 -5.68 3.09
CA SER A 133 -44.68 -5.89 4.38
C SER A 133 -44.86 -4.62 5.17
N ILE A 134 -45.70 -4.70 6.20
CA ILE A 134 -45.89 -3.59 7.11
C ILE A 134 -44.57 -3.24 7.80
N SER A 135 -43.83 -4.26 8.20
CA SER A 135 -42.59 -4.03 8.93
C SER A 135 -41.52 -3.35 8.07
N ASP A 136 -41.53 -3.62 6.76
CA ASP A 136 -40.61 -2.96 5.84
C ASP A 136 -41.23 -1.70 5.25
N GLU A 137 -42.55 -1.56 5.43
CA GLU A 137 -43.39 -0.58 4.73
C GLU A 137 -43.11 -0.63 3.23
N SER A 138 -42.99 -1.86 2.70
CA SER A 138 -42.61 -2.11 1.32
C SER A 138 -43.71 -2.86 0.58
N PHE A 139 -44.00 -2.42 -0.64
CA PHE A 139 -44.84 -3.19 -1.57
C PHE A 139 -43.98 -4.28 -2.17
N LEU A 140 -44.56 -5.45 -2.38
CA LEU A 140 -43.81 -6.57 -2.94
C LEU A 140 -44.63 -7.26 -4.01
N THR A 141 -44.01 -7.63 -5.13
CA THR A 141 -44.66 -8.53 -6.10
C THR A 141 -44.49 -9.97 -5.60
N PRO A 142 -45.32 -10.90 -6.11
CA PRO A 142 -45.34 -12.27 -5.56
C PRO A 142 -44.03 -13.02 -5.75
N GLN A 143 -43.26 -12.62 -6.76
CA GLN A 143 -41.90 -13.11 -6.94
C GLN A 143 -41.01 -12.92 -5.70
N ASN A 144 -41.29 -11.91 -4.87
CA ASN A 144 -40.51 -11.64 -3.65
C ASN A 144 -41.19 -12.00 -2.33
N ILE A 145 -42.18 -12.88 -2.36
CA ILE A 145 -42.68 -13.45 -1.13
C ILE A 145 -42.48 -14.95 -1.20
N THR A 146 -42.62 -15.62 -0.07
CA THR A 146 -42.57 -17.07 -0.01
C THR A 146 -43.10 -17.54 1.35
N ASP A 147 -43.22 -18.84 1.53
CA ASP A 147 -43.81 -19.39 2.77
C ASP A 147 -42.85 -19.34 3.96
N GLY A 148 -43.40 -19.17 5.15
CA GLY A 148 -42.59 -19.04 6.36
C GLY A 148 -43.48 -19.07 7.59
N VAL A 149 -42.96 -18.56 8.71
CA VAL A 149 -43.73 -18.59 9.96
C VAL A 149 -43.97 -17.21 10.61
N ASP A 150 -45.23 -16.99 10.95
CA ASP A 150 -45.62 -15.95 11.89
C ASP A 150 -45.06 -16.32 13.25
N LYS A 151 -44.91 -15.34 14.15
CA LYS A 151 -44.31 -15.62 15.47
C LYS A 151 -45.15 -16.54 16.38
N GLY A 153 -46.99 -19.10 16.05
CA GLY A 153 -46.01 -19.67 15.14
C GLY A 153 -46.59 -20.09 13.79
N ASN A 154 -47.84 -19.68 13.51
CA ASN A 154 -48.62 -20.19 12.36
C ASN A 154 -48.01 -19.98 10.96
N PRO A 155 -48.47 -20.79 9.97
CA PRO A 155 -47.97 -20.70 8.59
C PRO A 155 -48.53 -19.50 7.82
N CYS A 156 -47.67 -18.80 7.10
CA CYS A 156 -48.05 -17.58 6.38
C CYS A 156 -47.03 -17.23 5.31
N LYS A 157 -47.26 -16.13 4.60
CA LYS A 157 -46.36 -15.65 3.55
C LYS A 157 -45.49 -14.50 4.07
N VAL A 158 -44.22 -14.52 3.67
CA VAL A 158 -43.21 -13.58 4.17
C VAL A 158 -42.35 -13.00 3.03
N SER A 159 -41.82 -11.81 3.28
CA SER A 159 -40.98 -11.11 2.33
C SER A 159 -39.65 -11.82 2.15
N LEU A 160 -39.26 -12.08 0.91
CA LEU A 160 -37.93 -12.62 0.61
C LEU A 160 -36.87 -11.57 0.90
N GLU A 161 -37.23 -10.29 0.79
CA GLU A 161 -36.32 -9.23 1.23
C GLU A 161 -35.92 -9.57 2.67
N SER A 162 -36.84 -9.41 3.61
CA SER A 162 -36.50 -9.37 5.03
C SER A 162 -36.99 -10.56 5.85
N GLY A 163 -37.84 -11.40 5.28
CA GLY A 163 -38.43 -12.48 6.06
C GLY A 163 -39.49 -12.05 7.07
N HIS A 164 -39.98 -10.81 6.97
CA HIS A 164 -41.06 -10.37 7.82
C HIS A 164 -42.37 -10.79 7.21
N VAL A 165 -43.42 -10.81 8.03
CA VAL A 165 -44.77 -11.13 7.57
C VAL A 165 -45.34 -10.08 6.61
N VAL A 166 -45.75 -10.58 5.45
CA VAL A 166 -46.49 -9.78 4.46
C VAL A 166 -47.98 -10.09 4.56
N THR A 167 -48.80 -9.16 4.04
CA THR A 167 -50.24 -9.32 4.06
C THR A 167 -50.78 -8.72 2.77
N TRP A 168 -51.97 -9.18 2.37
CA TRP A 168 -52.64 -8.68 1.17
C TRP A 168 -53.25 -7.29 1.38
N VAL A 169 -53.32 -6.50 0.32
CA VAL A 169 -53.83 -5.13 0.41
C VAL A 169 -54.59 -4.84 -0.86
N SER A 170 -55.85 -4.41 -0.72
CA SER A 170 -56.68 -4.04 -1.84
C SER A 170 -57.37 -2.73 -1.51
N GLU A 171 -56.68 -1.65 -1.86
CA GLU A 171 -57.16 -0.31 -1.59
C GLU A 171 -57.16 0.53 -2.85
N GLU A 172 -58.15 1.40 -2.97
CA GLU A 172 -58.09 2.51 -3.90
C GLU A 172 -57.04 3.47 -3.37
N ASN A 173 -55.94 3.63 -4.11
CA ASN A 173 -54.84 4.52 -3.71
C ASN A 173 -54.45 5.51 -4.80
N TYR A 174 -53.84 6.62 -4.40
CA TYR A 174 -53.20 7.51 -5.37
C TYR A 174 -51.93 6.80 -5.81
N MET A 175 -51.65 6.90 -7.12
CA MET A 175 -50.57 6.15 -7.73
C MET A 175 -49.59 7.09 -8.42
N PHE A 176 -48.30 6.83 -8.25
CA PHE A 176 -47.24 7.60 -8.90
C PHE A 176 -46.78 6.88 -10.15
N ARG A 177 -46.49 7.63 -11.21
CA ARG A 177 -46.21 7.03 -12.53
C ARG A 177 -44.76 6.56 -12.66
N LEU A 178 -44.31 5.74 -11.72
CA LEU A 178 -42.91 5.36 -11.69
C LEU A 178 -42.49 4.73 -13.02
N SER A 179 -43.39 3.95 -13.61
CA SER A 179 -43.14 3.36 -14.92
C SER A 179 -42.71 4.37 -15.97
N ALA A 180 -43.23 5.59 -15.87
CA ALA A 180 -42.91 6.65 -16.82
C ALA A 180 -41.48 7.15 -16.67
N PHE A 181 -40.75 6.63 -15.69
CA PHE A 181 -39.39 7.08 -15.40
C PHE A 181 -38.31 6.02 -15.62
N ARG A 182 -38.68 4.86 -16.16
CA ARG A 182 -37.71 3.77 -16.35
C ARG A 182 -36.47 4.18 -17.14
N GLU A 183 -36.67 4.69 -18.35
CA GLU A 183 -35.56 5.05 -19.22
C GLU A 183 -34.69 6.17 -18.66
N ARG A 184 -35.30 7.11 -17.94
CA ARG A 184 -34.57 8.26 -17.41
C ARG A 184 -33.71 7.89 -16.19
N LEU A 185 -34.19 6.93 -15.40
CA LEU A 185 -33.35 6.32 -14.37
C LEU A 185 -32.20 5.57 -15.02
N LEU A 186 -32.51 4.80 -16.06
CA LEU A 186 -31.48 4.04 -16.77
C LEU A 186 -30.42 4.94 -17.42
N GLU A 187 -30.82 6.06 -18.01
CA GLU A 187 -29.83 7.03 -18.54
C GLU A 187 -28.99 7.52 -17.39
N TRP A 188 -29.66 7.88 -16.31
CA TRP A 188 -29.01 8.39 -15.12
C TRP A 188 -27.96 7.43 -14.60
N TYR A 189 -28.35 6.17 -14.37
CA TYR A 189 -27.43 5.16 -13.83
C TYR A 189 -26.19 5.02 -14.69
N HIS A 190 -26.40 4.95 -15.99
CA HIS A 190 -25.32 4.77 -16.95
C HIS A 190 -24.50 6.01 -17.07
N ALA A 191 -25.15 7.15 -17.29
CA ALA A 191 -24.46 8.43 -17.42
C ALA A 191 -23.57 8.72 -16.24
N ASN A 192 -23.97 8.31 -15.04
CA ASN A 192 -23.24 8.60 -13.81
C ASN A 192 -22.93 7.32 -13.01
N PRO A 193 -21.85 6.62 -13.38
CA PRO A 193 -21.56 5.30 -12.78
C PRO A 193 -21.02 5.36 -11.37
N GLY A 194 -20.75 6.56 -10.89
CA GLY A 194 -20.47 6.75 -9.48
C GLY A 194 -21.72 6.79 -8.61
N CYS A 195 -22.91 6.89 -9.20
CA CYS A 195 -24.05 7.32 -8.42
C CYS A 195 -24.47 6.30 -7.37
N ILE A 196 -24.11 5.03 -7.57
CA ILE A 196 -24.41 4.02 -6.57
C ILE A 196 -23.12 3.31 -6.17
N VAL A 197 -22.93 3.17 -4.86
CA VAL A 197 -21.79 2.48 -4.29
C VAL A 197 -22.31 1.48 -3.29
N PRO A 198 -21.79 0.24 -3.30
CA PRO A 198 -20.71 -0.27 -4.10
C PRO A 198 -21.21 -0.76 -5.45
N GLU A 199 -20.26 -0.98 -6.35
CA GLU A 199 -20.56 -1.20 -7.73
C GLU A 199 -21.59 -2.30 -7.96
N PHE A 200 -21.51 -3.42 -7.23
CA PHE A 200 -22.44 -4.54 -7.46
C PHE A 200 -23.91 -4.22 -7.14
N ARG A 201 -24.14 -3.23 -6.28
CA ARG A 201 -25.48 -2.76 -5.99
C ARG A 201 -25.95 -1.81 -7.07
N ARG A 202 -25.02 -1.16 -7.74
CA ARG A 202 -25.41 -0.37 -8.89
C ARG A 202 -25.96 -1.33 -9.94
N ARG A 203 -25.22 -2.41 -10.20
CA ARG A 203 -25.66 -3.45 -11.14
C ARG A 203 -27.01 -4.03 -10.71
N GLU A 204 -27.16 -4.31 -9.43
CA GLU A 204 -28.46 -4.73 -8.94
C GLU A 204 -29.53 -3.73 -9.35
N VAL A 205 -29.36 -2.47 -8.99
CA VAL A 205 -30.39 -1.49 -9.27
C VAL A 205 -30.71 -1.40 -10.78
N ILE A 206 -29.73 -1.60 -11.66
CA ILE A 206 -29.99 -1.50 -13.11
C ILE A 206 -30.77 -2.70 -13.63
N ARG A 207 -30.35 -3.90 -13.24
CA ARG A 207 -31.06 -5.14 -13.60
C ARG A 207 -32.52 -5.09 -13.14
N ALA A 208 -32.75 -4.55 -11.95
CA ALA A 208 -34.09 -4.41 -11.40
C ALA A 208 -34.96 -3.50 -12.26
N VAL A 209 -34.38 -2.39 -12.72
CA VAL A 209 -35.14 -1.39 -13.44
C VAL A 209 -35.24 -1.79 -14.90
N GLU A 210 -34.20 -2.43 -15.42
CA GLU A 210 -34.25 -3.01 -16.76
C GLU A 210 -35.48 -3.89 -16.85
N LYS A 211 -35.60 -4.87 -15.96
CA LYS A 211 -36.73 -5.80 -15.94
C LYS A 211 -38.09 -5.08 -16.02
N GLY A 212 -38.21 -3.91 -15.40
CA GLY A 212 -39.44 -3.12 -15.49
C GLY A 212 -39.90 -2.52 -14.17
N LEU A 213 -40.60 -1.39 -14.26
CA LEU A 213 -41.10 -0.72 -13.05
C LEU A 213 -42.58 -0.54 -13.20
N PRO A 214 -43.35 -0.99 -12.21
CA PRO A 214 -44.75 -0.66 -12.13
C PRO A 214 -44.95 0.63 -11.35
N ASP A 215 -46.14 1.19 -11.42
CA ASP A 215 -46.46 2.41 -10.71
C ASP A 215 -46.49 2.11 -9.22
N LEU A 216 -46.30 3.17 -8.43
CA LEU A 216 -46.12 3.05 -7.00
C LEU A 216 -47.24 3.75 -6.26
N SER A 217 -47.78 3.07 -5.25
CA SER A 217 -48.90 3.55 -4.48
C SER A 217 -48.45 4.51 -3.38
N VAL A 218 -48.58 5.80 -3.67
CA VAL A 218 -48.08 6.85 -2.80
C VAL A 218 -49.12 7.40 -1.84
N SER A 219 -50.31 6.81 -1.77
CA SER A 219 -51.25 7.08 -0.67
C SER A 219 -51.86 5.80 -0.13
N ARG A 220 -52.47 5.89 1.05
CA ARG A 220 -53.20 4.79 1.67
C ARG A 220 -54.46 5.24 2.39
N ALA A 221 -55.45 4.35 2.42
CA ALA A 221 -56.69 4.59 3.13
C ALA A 221 -56.36 4.98 4.56
N ARG A 222 -57.00 6.00 5.09
CA ARG A 222 -56.63 6.52 6.41
C ARG A 222 -56.95 5.52 7.52
N ALA A 223 -58.08 4.84 7.40
CA ALA A 223 -58.45 3.79 8.35
C ALA A 223 -57.26 2.85 8.62
N THR A 224 -56.60 2.44 7.55
CA THR A 224 -55.53 1.43 7.62
C THR A 224 -54.20 1.93 8.21
N LEU A 225 -54.01 3.25 8.27
CA LEU A 225 -52.78 3.85 8.84
C LEU A 225 -52.95 4.35 10.28
N HIS A 226 -54.13 4.10 10.85
CA HIS A 226 -54.47 4.55 12.21
C HIS A 226 -54.42 6.06 12.33
N ASN A 227 -54.69 6.73 11.20
CA ASN A 227 -54.62 8.21 11.09
C ASN A 227 -53.32 8.85 11.60
N TRP A 228 -52.24 8.09 11.51
CA TRP A 228 -50.95 8.53 11.95
C TRP A 228 -50.09 8.70 10.72
N ALA A 229 -50.27 9.85 10.07
CA ALA A 229 -49.62 10.15 8.80
C ALA A 229 -50.02 11.54 8.27
N ILE A 230 -49.38 11.98 7.20
CA ILE A 230 -49.69 13.29 6.63
C ILE A 230 -50.85 13.14 5.63
N PRO A 231 -51.91 13.95 5.75
CA PRO A 231 -53.01 13.82 4.81
C PRO A 231 -52.63 14.27 3.40
N VAL A 232 -53.13 13.56 2.39
CA VAL A 232 -53.00 14.00 1.00
C VAL A 232 -53.68 15.35 0.88
N PRO A 233 -52.98 16.33 0.28
CA PRO A 233 -53.55 17.61 -0.08
C PRO A 233 -54.81 17.47 -0.89
N GLY A 234 -55.90 18.03 -0.40
CA GLY A 234 -57.17 18.00 -1.10
C GLY A 234 -57.90 16.67 -1.06
N ASN A 235 -57.43 15.72 -0.27
CA ASN A 235 -58.18 14.48 -0.04
C ASN A 235 -57.87 13.93 1.35
N PRO A 236 -58.67 14.32 2.36
CA PRO A 236 -58.44 13.93 3.74
C PRO A 236 -58.68 12.46 4.03
N ASP A 237 -59.39 11.77 3.14
CA ASP A 237 -59.63 10.34 3.31
C ASP A 237 -58.38 9.50 3.10
N HIS A 238 -57.29 10.13 2.67
CA HIS A 238 -56.02 9.46 2.37
C HIS A 238 -54.86 10.02 3.13
N VAL A 240 -50.40 10.25 2.98
CA VAL A 240 -49.22 10.11 2.13
C VAL A 240 -48.37 8.94 2.57
N TYR A 241 -48.09 8.06 1.61
CA TYR A 241 -47.23 6.90 1.81
C TYR A 241 -46.01 7.26 2.64
N VAL A 242 -45.80 6.52 3.72
CA VAL A 242 -44.71 6.77 4.66
C VAL A 242 -43.33 6.93 4.02
N TRP A 243 -43.09 6.33 2.85
CA TRP A 243 -41.77 6.43 2.24
C TRP A 243 -41.57 7.70 1.46
N LEU A 244 -42.63 8.22 0.85
CA LEU A 244 -42.59 9.54 0.24
C LEU A 244 -42.40 10.58 1.35
N ASP A 245 -43.16 10.42 2.44
CA ASP A 245 -42.97 11.22 3.67
C ASP A 245 -41.52 11.11 4.17
N ALA A 246 -40.99 9.89 4.26
CA ALA A 246 -39.65 9.66 4.81
C ALA A 246 -38.56 10.24 3.91
N LEU A 247 -38.56 9.88 2.63
CA LEU A 247 -37.57 10.39 1.70
C LEU A 247 -37.47 11.93 1.69
N THR A 248 -38.63 12.57 1.78
CA THR A 248 -38.68 14.03 1.78
C THR A 248 -37.85 14.66 2.93
N ASN A 249 -37.45 13.88 3.94
CA ASN A 249 -36.64 14.42 5.06
C ASN A 249 -35.38 15.11 4.58
N TYR A 250 -34.86 14.62 3.44
CA TYR A 250 -33.64 15.16 2.85
C TYR A 250 -33.85 16.57 2.29
N LEU A 251 -34.95 16.75 1.58
CA LEU A 251 -35.34 18.05 1.02
C LEU A 251 -35.71 19.04 2.10
N THR A 252 -36.41 18.58 3.14
CA THR A 252 -36.73 19.44 4.26
C THR A 252 -35.43 19.87 4.88
N GLY A 253 -34.61 18.87 5.23
CA GLY A 253 -33.31 19.10 5.83
C GLY A 253 -32.55 20.19 5.09
N SER A 254 -32.55 20.10 3.76
CA SER A 254 -31.79 21.03 2.96
C SER A 254 -32.33 22.47 3.02
N ARG A 255 -33.53 22.67 3.60
CA ARG A 255 -34.22 23.97 3.65
C ARG A 255 -34.40 24.60 5.05
N LEU A 256 -34.06 23.86 6.10
CA LEU A 256 -34.17 24.39 7.46
C LEU A 256 -32.96 25.24 7.82
N ARG A 257 -33.21 26.42 8.36
CA ARG A 257 -32.17 27.18 9.06
C ARG A 257 -32.12 26.70 10.49
N VAL A 258 -30.93 26.40 10.98
CA VAL A 258 -30.74 25.86 12.31
C VAL A 258 -29.83 26.75 13.15
N ASP A 259 -30.24 27.02 14.40
CA ASP A 259 -29.42 27.80 15.34
C ASP A 259 -28.28 26.95 15.90
N GLU A 260 -27.45 27.54 16.76
CA GLU A 260 -26.27 26.86 17.31
C GLU A 260 -26.67 25.71 18.24
N SER A 261 -27.74 25.93 19.00
CA SER A 261 -28.29 24.93 19.88
C SER A 261 -28.82 23.68 19.13
N GLY A 262 -28.98 23.74 17.81
CA GLY A 262 -29.45 22.60 17.02
C GLY A 262 -30.96 22.58 16.78
N LYS A 263 -31.62 23.67 17.12
CA LYS A 263 -33.08 23.82 17.01
C LYS A 263 -33.40 24.43 15.66
N GLU A 264 -34.36 23.83 14.95
CA GLU A 264 -34.84 24.37 13.67
C GLU A 264 -35.56 25.70 13.89
N VAL A 265 -35.22 26.70 13.08
CA VAL A 265 -35.75 28.04 13.32
C VAL A 265 -36.47 28.67 12.11
N SER A 266 -36.38 28.05 10.94
CA SER A 266 -36.96 28.63 9.73
C SER A 266 -36.90 27.65 8.57
N LEU A 267 -37.92 27.65 7.73
CA LEU A 267 -37.93 26.84 6.51
C LEU A 267 -37.91 27.76 5.31
N VAL A 268 -36.82 27.74 4.55
CA VAL A 268 -36.71 28.58 3.34
C VAL A 268 -37.52 28.00 2.18
N ASP A 269 -37.94 28.85 1.25
CA ASP A 269 -38.81 28.45 0.12
C ASP A 269 -38.06 27.67 -0.95
N ASP A 270 -36.86 28.16 -1.24
CA ASP A 270 -36.00 27.62 -2.28
C ASP A 270 -34.83 26.91 -1.60
N PHE A 271 -34.62 25.63 -1.95
CA PHE A 271 -33.48 24.88 -1.44
C PHE A 271 -32.14 25.57 -1.74
N ASN A 272 -32.08 26.26 -2.88
CA ASN A 272 -30.88 26.97 -3.34
C ASN A 272 -30.40 27.99 -2.32
N GLU A 273 -31.32 28.47 -1.50
CA GLU A 273 -31.01 29.50 -0.51
C GLU A 273 -29.93 29.02 0.44
N LEU A 274 -30.00 27.77 0.86
CA LEU A 274 -28.97 27.21 1.74
C LEU A 274 -27.83 26.48 1.02
N GLU A 275 -27.96 26.24 -0.28
CA GLU A 275 -26.92 25.59 -1.09
C GLU A 275 -26.55 24.22 -0.54
N ARG A 276 -27.57 23.42 -0.23
CA ARG A 276 -27.37 22.09 0.36
C ARG A 276 -27.85 20.98 -0.56
N PHE A 277 -29.09 21.13 -1.04
CA PHE A 277 -29.69 20.15 -1.91
C PHE A 277 -29.03 20.19 -3.28
N PRO A 278 -28.88 19.04 -3.94
CA PRO A 278 -29.18 17.70 -3.49
C PRO A 278 -28.05 17.11 -2.62
N ALA A 279 -28.37 16.06 -1.87
CA ALA A 279 -27.39 15.35 -1.08
C ALA A 279 -26.25 14.94 -1.96
N ASP A 280 -25.05 15.15 -1.45
CA ASP A 280 -23.83 14.72 -2.12
C ASP A 280 -23.58 13.24 -1.88
N VAL A 281 -24.00 12.75 -0.71
CA VAL A 281 -23.90 11.33 -0.35
C VAL A 281 -25.06 10.94 0.56
N HIS A 282 -25.82 9.93 0.17
CA HIS A 282 -26.87 9.38 1.02
C HIS A 282 -26.32 8.08 1.57
N VAL A 283 -26.06 8.04 2.89
CA VAL A 283 -25.68 6.79 3.56
C VAL A 283 -26.95 5.98 3.83
N ILE A 284 -26.97 4.73 3.36
CA ILE A 284 -28.11 3.83 3.60
C ILE A 284 -27.62 2.40 3.83
N GLY A 285 -28.45 1.56 4.41
CA GLY A 285 -28.18 0.12 4.51
C GLY A 285 -28.77 -0.57 3.31
N LYS A 286 -28.32 -1.80 3.03
CA LYS A 286 -28.71 -2.51 1.80
C LYS A 286 -30.21 -2.82 1.73
N ASP A 287 -30.84 -2.93 2.89
CA ASP A 287 -32.29 -3.16 2.95
C ASP A 287 -33.17 -2.04 2.37
N ILE A 288 -32.65 -0.83 2.19
CA ILE A 288 -33.46 0.31 1.74
C ILE A 288 -32.94 0.96 0.44
N LEU A 289 -32.37 0.12 -0.42
CA LEU A 289 -31.80 0.60 -1.68
C LEU A 289 -32.88 1.07 -2.66
N LYS A 290 -33.92 0.27 -2.87
CA LYS A 290 -34.89 0.62 -3.91
C LYS A 290 -35.48 1.99 -3.70
N PHE A 291 -35.74 2.33 -2.45
CA PHE A 291 -36.43 3.57 -2.12
C PHE A 291 -35.56 4.78 -2.51
N HIS A 292 -34.26 4.64 -2.28
CA HIS A 292 -33.30 5.71 -2.54
C HIS A 292 -32.79 5.72 -3.96
N ALA A 293 -32.69 4.55 -4.59
CA ALA A 293 -32.05 4.44 -5.89
C ALA A 293 -33.05 4.42 -7.05
N ILE A 294 -34.32 4.16 -6.77
CA ILE A 294 -35.36 4.11 -7.81
C ILE A 294 -36.46 5.14 -7.51
N TYR A 295 -37.08 5.05 -6.34
CA TYR A 295 -38.22 5.88 -6.02
C TYR A 295 -37.80 7.36 -5.94
N TRP A 296 -36.88 7.64 -5.05
CA TRP A 296 -36.38 9.00 -4.83
C TRP A 296 -35.98 9.70 -6.13
N PRO A 297 -35.09 9.07 -6.94
CA PRO A 297 -34.78 9.74 -8.23
C PRO A 297 -36.03 10.04 -9.10
N ALA A 298 -36.95 9.07 -9.18
CA ALA A 298 -38.19 9.25 -9.94
C ALA A 298 -39.01 10.44 -9.41
N PHE A 299 -39.12 10.54 -8.07
CA PHE A 299 -39.86 11.65 -7.48
C PHE A 299 -39.23 12.99 -7.81
N LEU A 300 -37.91 13.05 -7.76
CA LEU A 300 -37.18 14.30 -7.98
C LEU A 300 -37.26 14.71 -9.43
N LEU A 301 -37.14 13.73 -10.32
CA LEU A 301 -37.24 14.00 -11.75
C LEU A 301 -38.65 14.46 -12.10
N SER A 302 -39.66 13.89 -11.46
CA SER A 302 -41.02 14.40 -11.63
C SER A 302 -41.07 15.87 -11.21
N ALA A 303 -40.71 16.13 -9.96
CA ALA A 303 -40.74 17.50 -9.44
C ALA A 303 -39.74 18.44 -10.13
N GLY A 304 -38.93 17.95 -11.05
CA GLY A 304 -37.91 18.78 -11.68
C GLY A 304 -36.83 19.24 -10.72
N LEU A 305 -36.48 18.40 -9.76
CA LEU A 305 -35.44 18.69 -8.77
C LEU A 305 -34.16 17.96 -9.16
N PRO A 306 -33.01 18.43 -8.64
CA PRO A 306 -31.74 17.78 -8.96
C PRO A 306 -31.60 16.46 -8.23
N LEU A 307 -30.97 15.48 -8.85
CA LEU A 307 -30.78 14.17 -8.23
C LEU A 307 -29.56 14.19 -7.31
N PRO A 308 -29.56 13.36 -6.28
CA PRO A 308 -28.36 13.31 -5.44
C PRO A 308 -27.16 12.91 -6.29
N LYS A 309 -25.96 13.02 -5.74
CA LYS A 309 -24.76 12.63 -6.49
C LYS A 309 -24.39 11.18 -6.19
N LYS A 310 -24.44 10.80 -4.91
CA LYS A 310 -24.08 9.44 -4.49
C LYS A 310 -25.07 8.86 -3.47
N ILE A 311 -25.49 7.63 -3.75
CA ILE A 311 -26.11 6.75 -2.78
C ILE A 311 -25.09 5.67 -2.46
N VAL A 312 -24.65 5.60 -1.21
CA VAL A 312 -23.73 4.55 -0.80
C VAL A 312 -24.46 3.65 0.19
N ALA A 313 -24.54 2.36 -0.14
CA ALA A 313 -25.33 1.39 0.61
C ALA A 313 -24.39 0.40 1.27
N HIS A 314 -24.22 0.55 2.58
CA HIS A 314 -23.29 -0.27 3.34
C HIS A 314 -23.83 -1.64 3.58
N GLY A 315 -23.03 -2.50 4.17
CA GLY A 315 -23.33 -3.93 4.26
C GLY A 315 -24.29 -4.41 5.34
N TRP A 316 -24.75 -3.50 6.19
CA TRP A 316 -25.66 -3.86 7.27
C TRP A 316 -27.10 -3.66 6.90
N TRP A 317 -27.97 -4.24 7.72
CA TRP A 317 -29.38 -3.88 7.73
C TRP A 317 -29.50 -2.57 8.43
N THR A 318 -30.49 -1.79 8.04
CA THR A 318 -30.68 -0.47 8.62
C THR A 318 -31.50 -0.57 9.89
N LYS A 319 -32.36 -1.59 10.00
CA LYS A 319 -33.35 -1.59 11.08
C LYS A 319 -33.52 -2.88 11.89
N ASP A 320 -33.58 -4.06 11.27
CA ASP A 320 -33.98 -5.29 12.01
C ASP A 320 -32.90 -5.86 12.97
N ARG A 321 -33.23 -6.01 14.25
CA ARG A 321 -32.31 -6.62 15.21
C ARG A 321 -32.15 -8.14 14.94
N LYS A 322 -31.37 -8.47 13.89
CA LYS A 322 -31.11 -9.86 13.47
C LYS A 322 -29.62 -10.17 13.63
N VAL A 331 -25.19 -10.66 21.19
CA VAL A 331 -25.68 -9.35 21.61
C VAL A 331 -24.54 -8.34 21.59
N PHE A 332 -24.88 -7.08 21.36
CA PHE A 332 -23.88 -6.02 21.20
C PHE A 332 -24.51 -4.66 21.47
N ASP A 333 -24.26 -4.10 22.66
CA ASP A 333 -24.75 -2.76 22.98
C ASP A 333 -23.64 -1.73 22.79
N PRO A 334 -23.85 -0.74 21.91
CA PRO A 334 -22.78 0.24 21.68
C PRO A 334 -22.27 0.91 22.95
N VAL A 335 -23.17 1.42 23.78
CA VAL A 335 -22.76 2.13 24.99
C VAL A 335 -22.02 1.21 25.99
N GLU A 336 -22.46 -0.03 26.14
CA GLU A 336 -21.73 -1.01 26.96
C GLU A 336 -20.32 -1.23 26.43
N LYS A 337 -20.20 -1.47 25.12
CA LYS A 337 -18.90 -1.68 24.50
C LYS A 337 -18.03 -0.42 24.51
N ALA A 338 -18.67 0.76 24.42
CA ALA A 338 -17.94 2.02 24.38
C ALA A 338 -17.31 2.30 25.75
N GLU A 339 -18.05 1.99 26.80
CA GLU A 339 -17.53 2.15 28.17
C GLU A 339 -16.41 1.14 28.46
N GLU A 340 -16.58 -0.08 27.96
CA GLU A 340 -15.65 -1.19 28.19
C GLU A 340 -14.34 -1.01 27.42
N PHE A 341 -14.42 -0.62 26.14
CA PHE A 341 -13.25 -0.54 25.25
C PHE A 341 -12.82 0.89 24.88
N GLY A 342 -13.78 1.81 24.83
CA GLY A 342 -13.53 3.19 24.39
C GLY A 342 -14.39 3.62 23.22
N TYR A 343 -14.78 4.89 23.20
CA TYR A 343 -15.67 5.39 22.15
C TYR A 343 -14.96 5.47 20.80
N ASP A 344 -13.76 6.02 20.76
CA ASP A 344 -13.00 6.08 19.51
C ASP A 344 -12.62 4.68 19.03
N ALA A 345 -12.18 3.83 19.96
CA ALA A 345 -11.82 2.44 19.65
C ALA A 345 -13.00 1.71 19.00
N LEU A 346 -14.18 1.80 19.62
CA LEU A 346 -15.38 1.15 19.10
C LEU A 346 -15.72 1.64 17.69
N LYS A 347 -15.72 2.95 17.49
CA LYS A 347 -16.00 3.51 16.18
C LYS A 347 -14.98 2.97 15.16
N TYR A 348 -13.70 3.07 15.51
CA TYR A 348 -12.62 2.51 14.70
C TYR A 348 -12.81 1.04 14.37
N PHE A 349 -13.13 0.25 15.38
CA PHE A 349 -13.27 -1.18 15.17
C PHE A 349 -14.42 -1.47 14.21
N LEU A 350 -15.56 -0.83 14.44
CA LEU A 350 -16.71 -1.03 13.59
C LEU A 350 -16.41 -0.66 12.14
N LEU A 351 -15.61 0.39 11.95
CA LEU A 351 -15.32 0.91 10.62
C LEU A 351 -14.27 0.09 9.88
N ARG A 352 -13.30 -0.41 10.63
CA ARG A 352 -12.25 -1.24 10.09
C ARG A 352 -12.76 -2.63 9.74
N GLU A 353 -13.63 -3.19 10.57
CA GLU A 353 -14.02 -4.61 10.45
C GLU A 353 -15.08 -4.87 9.39
N SER A 354 -15.95 -3.88 9.17
CA SER A 354 -17.11 -4.00 8.28
C SER A 354 -16.80 -3.58 6.85
N GLY A 355 -16.82 -4.53 5.93
CA GLY A 355 -16.69 -4.22 4.52
C GLY A 355 -18.01 -3.80 3.92
N PHE A 356 -18.13 -3.98 2.61
CA PHE A 356 -19.35 -3.62 1.90
C PHE A 356 -20.29 -4.82 1.83
N SER A 357 -19.76 -6.01 1.54
CA SER A 357 -20.53 -7.24 1.78
C SER A 357 -20.05 -7.75 3.13
N ASP A 358 -20.95 -7.75 4.12
CA ASP A 358 -20.55 -7.93 5.51
C ASP A 358 -20.31 -9.40 5.89
N ASP A 359 -19.03 -9.73 6.09
CA ASP A 359 -18.56 -11.06 6.50
C ASP A 359 -17.62 -10.91 7.71
N GLY A 360 -17.89 -9.90 8.54
CA GLY A 360 -16.95 -9.47 9.55
C GLY A 360 -17.09 -10.17 10.89
N ASP A 361 -16.00 -10.15 11.65
CA ASP A 361 -15.94 -10.76 12.96
C ASP A 361 -16.01 -9.67 14.02
N TYR A 362 -17.11 -9.65 14.78
CA TYR A 362 -17.34 -8.65 15.82
C TYR A 362 -17.27 -9.27 17.22
N SER A 363 -16.52 -10.36 17.32
CA SER A 363 -16.31 -11.05 18.58
C SER A 363 -15.46 -10.22 19.52
N ASP A 364 -15.66 -10.42 20.82
CA ASP A 364 -14.80 -9.77 21.81
C ASP A 364 -13.34 -10.09 21.56
N LYS A 365 -13.04 -11.32 21.14
CA LYS A 365 -11.66 -11.72 20.87
C LYS A 365 -11.03 -10.86 19.79
N ASN A 366 -11.80 -10.57 18.74
CA ASN A 366 -11.29 -9.79 17.61
C ASN A 366 -11.13 -8.32 17.95
N MET A 367 -12.06 -7.78 18.73
CA MET A 367 -11.97 -6.38 19.15
C MET A 367 -10.74 -6.12 19.99
N ILE A 368 -10.37 -7.10 20.83
CA ILE A 368 -9.16 -7.02 21.64
C ILE A 368 -7.94 -7.12 20.75
N ALA A 369 -7.94 -8.07 19.82
CA ALA A 369 -6.86 -8.23 18.86
C ALA A 369 -6.55 -6.93 18.13
N ARG A 370 -7.58 -6.24 17.65
CA ARG A 370 -7.38 -4.98 16.89
C ARG A 370 -7.02 -3.79 17.75
N LEU A 371 -7.74 -3.60 18.86
CA LEU A 371 -7.43 -2.54 19.80
C LEU A 371 -5.95 -2.62 20.17
N ASN A 372 -5.52 -3.80 20.62
CA ASN A 372 -4.14 -4.03 21.05
C ASN A 372 -3.17 -4.00 19.89
N GLY A 373 -3.47 -4.81 18.88
CA GLY A 373 -2.63 -4.93 17.71
C GLY A 373 -2.41 -3.61 16.98
N GLU A 374 -3.50 -2.95 16.60
CA GLU A 374 -3.43 -1.81 15.69
C GLU A 374 -3.35 -0.48 16.43
N LEU A 375 -4.33 -0.21 17.28
CA LEU A 375 -4.40 1.07 17.95
C LEU A 375 -3.33 1.20 19.01
N ALA A 376 -3.15 0.16 19.82
CA ALA A 376 -2.15 0.17 20.90
C ALA A 376 -0.70 -0.04 20.40
N ASP A 377 -0.47 -1.13 19.65
CA ASP A 377 0.89 -1.43 19.16
C ASP A 377 1.35 -0.57 17.97
N THR A 378 0.50 -0.37 16.96
CA THR A 378 0.96 0.34 15.77
C THR A 378 0.89 1.87 15.92
N LEU A 379 -0.28 2.39 16.28
CA LEU A 379 -0.42 3.85 16.42
C LEU A 379 0.10 4.31 17.79
N GLY A 380 -0.47 3.77 18.87
CA GLY A 380 -0.08 4.11 20.23
C GLY A 380 1.42 4.13 20.47
N ASN A 381 2.05 2.94 20.46
CA ASN A 381 3.50 2.82 20.63
C ASN A 381 4.28 3.92 19.92
N LEU A 382 3.92 4.16 18.66
CA LEU A 382 4.66 5.05 17.76
C LEU A 382 4.57 6.50 18.21
N VAL A 383 3.41 6.87 18.70
CA VAL A 383 3.19 8.20 19.26
C VAL A 383 4.08 8.42 20.50
N MET A 384 4.25 7.40 21.31
CA MET A 384 5.04 7.50 22.55
C MET A 384 6.55 7.48 22.30
N ARG A 385 6.98 6.74 21.28
CA ARG A 385 8.39 6.68 20.93
C ARG A 385 8.91 8.06 20.56
N CYS A 386 8.25 8.72 19.61
CA CYS A 386 8.71 10.01 19.10
C CYS A 386 8.48 11.19 20.06
N THR A 387 7.73 10.95 21.13
CA THR A 387 7.53 11.96 22.18
C THR A 387 8.19 11.61 23.52
N SER A 388 8.80 10.43 23.62
CA SER A 388 9.50 10.01 24.83
C SER A 388 10.61 10.98 25.21
N ALA A 389 10.80 11.19 26.51
CA ALA A 389 11.93 11.97 27.03
C ALA A 389 13.25 11.28 26.67
N LYS A 390 13.20 9.96 26.63
CA LYS A 390 14.34 9.11 26.32
C LYS A 390 14.87 9.43 24.93
N ILE A 391 13.99 9.42 23.93
CA ILE A 391 14.41 9.61 22.55
C ILE A 391 14.42 11.10 22.17
N ASN A 392 13.26 11.74 22.19
CA ASN A 392 13.16 13.16 21.92
C ASN A 392 13.56 13.99 23.16
N VAL A 393 14.87 14.13 23.38
CA VAL A 393 15.42 14.71 24.60
C VAL A 393 15.17 16.21 24.75
N ASN A 394 14.76 16.87 23.68
CA ASN A 394 14.42 18.29 23.74
C ASN A 394 12.91 18.55 23.67
N GLY A 395 12.11 17.50 23.74
CA GLY A 395 10.68 17.64 23.55
C GLY A 395 10.36 18.67 22.49
N GLU A 396 10.88 18.46 21.29
CA GLU A 396 10.62 19.39 20.19
C GLU A 396 10.69 18.65 18.86
N TRP A 397 10.30 19.35 17.80
CA TRP A 397 10.52 18.90 16.45
C TRP A 397 11.91 19.28 16.01
N PRO A 398 12.83 18.30 15.92
CA PRO A 398 14.16 18.64 15.46
C PRO A 398 14.19 18.99 13.97
N SER A 399 15.24 19.72 13.56
CA SER A 399 15.45 20.03 12.15
C SER A 399 16.22 18.89 11.47
N PRO A 400 15.64 18.28 10.41
CA PRO A 400 16.29 17.15 9.76
C PRO A 400 17.56 17.50 9.01
N ALA A 401 18.54 16.60 9.10
CA ALA A 401 19.74 16.64 8.27
C ALA A 401 19.41 16.04 6.90
N ALA A 402 20.42 15.54 6.20
CA ALA A 402 20.21 14.93 4.88
C ALA A 402 19.46 13.60 5.01
N TYR A 403 18.81 13.21 3.93
CA TYR A 403 17.95 12.02 3.90
C TYR A 403 18.61 10.87 3.15
N THR A 404 18.64 9.69 3.75
CA THR A 404 19.09 8.50 3.05
C THR A 404 17.96 7.99 2.19
N GLU A 405 18.29 7.21 1.17
CA GLU A 405 17.26 6.63 0.27
C GLU A 405 16.23 5.79 1.02
N GLU A 406 16.55 5.31 2.20
CA GLU A 406 15.50 4.72 3.05
C GLU A 406 14.61 5.85 3.60
N ASP A 407 15.23 6.90 4.12
CA ASP A 407 14.46 8.03 4.65
C ASP A 407 13.46 8.49 3.60
N GLU A 408 13.94 8.66 2.37
CA GLU A 408 13.11 9.14 1.30
C GLU A 408 12.02 8.13 0.92
N SER A 409 12.34 6.83 0.96
CA SER A 409 11.34 5.79 0.66
C SER A 409 10.05 5.95 1.48
N LEU A 410 10.21 6.34 2.75
CA LEU A 410 9.10 6.50 3.69
C LEU A 410 8.43 7.87 3.53
N ILE A 411 9.25 8.91 3.38
CA ILE A 411 8.74 10.26 3.10
C ILE A 411 7.80 10.16 1.93
N GLN A 412 8.23 9.42 0.91
CA GLN A 412 7.45 9.26 -0.30
C GLN A 412 6.11 8.62 0.02
N LEU A 413 6.10 7.64 0.91
CA LEU A 413 4.84 7.02 1.36
C LEU A 413 3.96 8.05 2.09
N ILE A 414 4.57 8.85 2.96
CA ILE A 414 3.85 9.83 3.75
C ILE A 414 3.30 10.94 2.85
N LYS A 415 4.10 11.38 1.89
CA LYS A 415 3.62 12.33 0.89
C LYS A 415 2.42 11.79 0.09
N ASP A 416 2.47 10.52 -0.30
CA ASP A 416 1.42 9.95 -1.13
C ASP A 416 0.10 9.64 -0.38
N LEU A 417 0.15 9.59 0.95
CA LEU A 417 -0.98 9.05 1.73
C LEU A 417 -2.26 9.89 1.68
N PRO A 418 -2.14 11.22 1.73
CA PRO A 418 -3.34 12.06 1.68
C PRO A 418 -4.12 11.92 0.38
N GLY A 419 -3.40 11.87 -0.74
CA GLY A 419 -4.02 11.67 -2.04
C GLY A 419 -4.82 10.39 -2.12
N THR A 420 -4.22 9.28 -1.70
CA THR A 420 -4.90 7.98 -1.74
C THR A 420 -5.99 7.86 -0.68
N ALA A 421 -5.72 8.31 0.55
CA ALA A 421 -6.73 8.32 1.61
C ALA A 421 -7.93 9.19 1.20
N ASP A 422 -7.66 10.34 0.58
CA ASP A 422 -8.73 11.22 0.10
C ASP A 422 -9.62 10.46 -0.88
N HIS A 423 -9.04 9.86 -1.90
CA HIS A 423 -9.82 9.17 -2.91
C HIS A 423 -10.71 8.14 -2.29
N TYR A 424 -10.18 7.41 -1.30
CA TYR A 424 -10.96 6.35 -0.63
C TYR A 424 -12.16 6.93 0.10
N TYR A 425 -11.89 7.92 0.93
CA TYR A 425 -12.94 8.71 1.56
C TYR A 425 -13.99 9.18 0.56
N LEU A 426 -13.59 9.58 -0.64
CA LEU A 426 -14.56 10.09 -1.62
C LEU A 426 -15.40 9.03 -2.36
N ILE A 427 -15.04 7.75 -2.22
CA ILE A 427 -15.78 6.67 -2.90
C ILE A 427 -17.26 6.60 -2.48
N PRO A 428 -17.55 6.53 -1.17
CA PRO A 428 -16.70 6.41 0.01
C PRO A 428 -16.52 4.96 0.49
N ASP A 429 -15.27 4.56 0.71
CA ASP A 429 -14.95 3.30 1.32
C ASP A 429 -14.02 3.64 2.46
N ILE A 430 -14.62 3.96 3.61
CA ILE A 430 -13.88 4.32 4.82
C ILE A 430 -12.91 3.21 5.27
N GLN A 431 -13.30 1.95 5.08
CA GLN A 431 -12.44 0.83 5.45
C GLN A 431 -11.12 0.88 4.66
N LYS A 432 -11.22 0.99 3.35
CA LYS A 432 -10.00 1.06 2.55
C LYS A 432 -9.16 2.25 3.00
N ALA A 433 -9.80 3.39 3.22
CA ALA A 433 -9.11 4.57 3.73
C ALA A 433 -8.28 4.22 4.99
N ILE A 434 -8.93 3.68 6.03
CA ILE A 434 -8.21 3.29 7.25
C ILE A 434 -6.99 2.39 6.94
N ILE A 435 -7.18 1.37 6.11
CA ILE A 435 -6.08 0.47 5.78
C ILE A 435 -4.94 1.30 5.24
N ALA A 436 -5.20 2.03 4.15
CA ALA A 436 -4.21 2.90 3.51
C ALA A 436 -3.32 3.66 4.50
N VAL A 437 -3.92 4.18 5.57
CA VAL A 437 -3.19 4.91 6.59
C VAL A 437 -2.37 3.95 7.40
N PHE A 438 -3.02 2.92 7.95
CA PHE A 438 -2.33 1.98 8.83
C PHE A 438 -1.19 1.22 8.14
N ASP A 439 -1.28 1.03 6.83
CA ASP A 439 -0.15 0.55 6.04
C ASP A 439 1.01 1.51 6.32
N VAL A 440 0.75 2.81 6.17
CA VAL A 440 1.81 3.83 6.35
C VAL A 440 2.30 3.89 7.79
N LEU A 441 1.43 3.64 8.76
CA LEU A 441 1.86 3.58 10.15
C LEU A 441 2.83 2.39 10.34
N ARG A 442 2.46 1.23 9.82
CA ARG A 442 3.29 0.03 9.94
C ARG A 442 4.65 0.23 9.30
N ALA A 443 4.71 1.06 8.27
CA ALA A 443 5.98 1.43 7.65
C ALA A 443 6.85 2.19 8.67
N ILE A 444 6.26 3.19 9.30
CA ILE A 444 6.99 4.04 10.23
C ILE A 444 7.57 3.21 11.38
N ASN A 445 6.80 2.24 11.89
CA ASN A 445 7.31 1.34 12.93
C ASN A 445 8.53 0.59 12.41
N ALA A 446 8.36 0.00 11.23
CA ALA A 446 9.44 -0.69 10.54
C ALA A 446 10.66 0.20 10.45
N TYR A 447 10.45 1.42 9.96
CA TYR A 447 11.51 2.41 9.89
C TYR A 447 12.20 2.54 11.25
N VAL A 448 11.42 2.78 12.30
CA VAL A 448 11.99 3.07 13.61
C VAL A 448 12.76 1.87 14.14
N THR A 449 12.20 0.69 13.96
CA THR A 449 12.90 -0.55 14.27
C THR A 449 14.31 -0.60 13.66
N ASP A 450 14.42 -0.22 12.38
CA ASP A 450 15.71 -0.24 11.69
C ASP A 450 16.66 0.76 12.29
N MET A 451 16.21 2.00 12.39
CA MET A 451 17.09 3.08 12.76
C MET A 451 17.53 3.03 14.21
N ALA A 452 16.67 2.46 15.06
CA ALA A 452 16.99 2.29 16.48
C ALA A 452 17.30 3.65 17.09
N PRO A 453 16.32 4.56 17.04
CA PRO A 453 16.52 5.92 17.53
C PRO A 453 17.02 5.97 18.97
N TRP A 454 16.57 5.03 19.80
CA TRP A 454 17.09 4.89 21.17
C TRP A 454 18.60 4.77 21.18
N LYS A 455 19.16 3.97 20.29
CA LYS A 455 20.62 3.85 20.19
C LYS A 455 21.28 5.13 19.65
N LEU A 456 20.60 5.83 18.76
CA LEU A 456 21.16 7.03 18.13
C LEU A 456 21.42 8.18 19.11
N VAL A 457 20.56 8.34 20.11
CA VAL A 457 20.64 9.52 20.99
C VAL A 457 22.01 9.63 21.63
N LYS A 458 22.64 8.48 21.88
CA LYS A 458 24.03 8.43 22.32
C LYS A 458 25.01 8.45 21.11
N THR A 459 24.89 7.48 20.19
CA THR A 459 25.82 7.31 19.05
C THR A 459 25.97 8.51 18.13
N ASP A 460 24.84 9.06 17.68
CA ASP A 460 24.81 9.96 16.53
C ASP A 460 23.58 10.86 16.68
N PRO A 461 23.73 12.00 17.36
CA PRO A 461 22.61 12.90 17.54
C PRO A 461 22.16 13.55 16.25
N GLU A 462 23.10 13.75 15.32
CA GLU A 462 22.79 14.35 14.02
C GLU A 462 21.84 13.44 13.21
N ARG A 463 22.03 12.13 13.30
CA ARG A 463 21.12 11.20 12.61
C ARG A 463 19.75 11.13 13.25
N LEU A 464 19.72 11.05 14.59
CA LEU A 464 18.47 11.03 15.33
C LEU A 464 17.54 12.15 14.93
N ARG A 465 18.08 13.32 14.61
CA ARG A 465 17.25 14.41 14.16
C ARG A 465 16.44 13.97 12.94
N THR A 466 17.12 13.58 11.88
CA THR A 466 16.47 13.17 10.66
C THR A 466 15.39 12.10 10.95
N VAL A 467 15.77 11.06 11.70
CA VAL A 467 14.84 9.97 12.03
C VAL A 467 13.60 10.47 12.79
N LEU A 468 13.85 11.17 13.90
CA LEU A 468 12.80 11.66 14.77
C LEU A 468 11.87 12.64 14.04
N TYR A 469 12.44 13.46 13.16
CA TYR A 469 11.63 14.40 12.40
C TYR A 469 10.61 13.67 11.51
N ILE A 470 11.10 12.69 10.72
CA ILE A 470 10.26 11.92 9.82
C ILE A 470 9.19 11.17 10.60
N THR A 471 9.58 10.55 11.71
CA THR A 471 8.62 9.87 12.57
C THR A 471 7.51 10.82 13.02
N LEU A 472 7.89 11.98 13.50
CA LEU A 472 6.91 12.92 14.02
C LEU A 472 5.91 13.31 12.92
N GLU A 473 6.45 13.65 11.76
CA GLU A 473 5.65 14.18 10.64
C GLU A 473 4.75 13.11 10.00
N GLY A 474 5.23 11.87 9.95
CA GLY A 474 4.39 10.75 9.55
C GLY A 474 3.26 10.58 10.56
N VAL A 475 3.63 10.46 11.83
CA VAL A 475 2.64 10.29 12.90
C VAL A 475 1.60 11.40 12.92
N ARG A 476 1.99 12.61 12.53
CA ARG A 476 1.06 13.74 12.45
C ARG A 476 0.11 13.57 11.28
N VAL A 477 0.65 13.41 10.09
CA VAL A 477 -0.13 13.31 8.86
C VAL A 477 -1.04 12.08 8.88
N THR A 478 -0.57 10.96 9.41
CA THR A 478 -1.44 9.79 9.58
C THR A 478 -2.58 10.13 10.53
N THR A 479 -2.26 10.80 11.64
CA THR A 479 -3.25 11.15 12.65
C THR A 479 -4.23 12.20 12.12
N LEU A 480 -3.78 13.06 11.22
CA LEU A 480 -4.69 13.98 10.56
C LEU A 480 -5.71 13.19 9.77
N LEU A 481 -5.25 12.34 8.87
CA LEU A 481 -6.15 11.53 8.06
C LEU A 481 -6.97 10.52 8.87
N LEU A 482 -6.49 10.13 10.05
CA LEU A 482 -7.30 9.30 10.95
C LEU A 482 -8.31 10.09 11.77
N SER A 483 -8.26 11.42 11.72
CA SER A 483 -9.00 12.21 12.70
C SER A 483 -10.53 12.05 12.62
N PRO A 484 -11.07 11.87 11.40
CA PRO A 484 -12.52 11.63 11.31
C PRO A 484 -13.00 10.31 11.93
N ILE A 485 -12.05 9.41 12.18
CA ILE A 485 -12.35 8.11 12.76
C ILE A 485 -12.08 8.12 14.25
N LEU A 486 -10.98 8.75 14.66
CA LEU A 486 -10.60 8.81 16.07
C LEU A 486 -10.61 10.25 16.53
N PRO A 487 -11.80 10.87 16.59
CA PRO A 487 -11.89 12.32 16.80
C PRO A 487 -11.31 12.84 18.12
N ARG A 488 -11.50 12.10 19.20
CA ARG A 488 -10.97 12.50 20.51
C ARG A 488 -9.49 12.19 20.64
N LYS A 489 -9.06 11.07 20.08
CA LYS A 489 -7.68 10.64 20.22
C LYS A 489 -6.76 11.45 19.32
N SER A 490 -7.24 11.83 18.15
CA SER A 490 -6.41 12.66 17.30
C SER A 490 -6.09 13.95 18.07
N VAL A 491 -7.06 14.49 18.80
CA VAL A 491 -6.80 15.69 19.63
C VAL A 491 -5.75 15.43 20.71
N VAL A 492 -5.78 14.24 21.33
CA VAL A 492 -4.76 13.86 22.31
C VAL A 492 -3.39 13.61 21.65
N ILE A 493 -3.39 13.06 20.45
CA ILE A 493 -2.13 12.88 19.71
C ILE A 493 -1.53 14.24 19.35
N PHE A 494 -2.35 15.16 18.86
CA PHE A 494 -1.82 16.44 18.44
C PHE A 494 -1.34 17.23 19.64
N ASP A 495 -2.12 17.21 20.71
CA ASP A 495 -1.74 17.86 21.96
C ASP A 495 -0.38 17.38 22.41
N MET A 496 -0.17 16.07 22.31
CA MET A 496 1.10 15.45 22.66
C MET A 496 2.23 15.90 21.75
N LEU A 497 2.02 15.79 20.43
CA LEU A 497 3.05 16.19 19.46
C LEU A 497 3.20 17.70 19.41
N GLY A 498 2.29 18.41 20.09
CA GLY A 498 2.36 19.86 20.19
C GLY A 498 2.02 20.56 18.89
N VAL A 499 1.13 19.96 18.12
CA VAL A 499 0.74 20.50 16.83
C VAL A 499 -0.13 21.71 17.08
N PRO A 500 0.25 22.88 16.55
CA PRO A 500 -0.61 24.03 16.76
C PRO A 500 -2.01 23.83 16.21
N GLU A 501 -2.98 24.53 16.78
CA GLU A 501 -4.40 24.30 16.45
C GLU A 501 -4.75 24.60 14.98
N VAL A 502 -4.04 25.51 14.34
CA VAL A 502 -4.26 25.84 12.92
C VAL A 502 -3.84 24.73 11.96
N HIS A 503 -2.91 23.89 12.42
CA HIS A 503 -2.35 22.83 11.58
C HIS A 503 -3.10 21.54 11.71
N ARG A 504 -4.26 21.57 12.38
CA ARG A 504 -5.04 20.35 12.62
C ARG A 504 -6.18 20.13 11.62
N LYS A 505 -6.26 20.98 10.61
CA LYS A 505 -7.22 20.81 9.54
C LYS A 505 -6.73 21.50 8.30
N GLY A 506 -7.46 21.36 7.20
CA GLY A 506 -7.15 22.09 5.97
C GLY A 506 -6.24 21.29 5.07
N ILE A 507 -6.54 21.32 3.77
CA ILE A 507 -5.74 20.61 2.77
C ILE A 507 -4.29 21.07 2.79
N GLU A 508 -4.09 22.30 3.24
CA GLU A 508 -2.77 22.88 3.40
C GLU A 508 -1.86 21.96 4.22
N ASN A 509 -2.41 21.44 5.31
CA ASN A 509 -1.66 20.67 6.31
C ASN A 509 -1.71 19.18 6.06
N PHE A 510 -2.11 18.79 4.85
CA PHE A 510 -1.86 17.46 4.34
C PHE A 510 -0.47 17.40 3.76
N GLU A 511 0.16 18.54 3.53
CA GLU A 511 1.49 18.60 2.93
C GLU A 511 2.56 18.32 3.96
N PHE A 512 3.60 17.62 3.54
CA PHE A 512 4.64 17.11 4.42
C PHE A 512 5.52 18.26 4.86
N GLY A 513 5.58 18.46 6.18
CA GLY A 513 6.42 19.49 6.79
C GLY A 513 5.67 20.76 7.16
N ALA A 514 4.35 20.70 7.22
CA ALA A 514 3.55 21.86 7.54
C ALA A 514 3.92 22.39 8.91
N VAL A 515 3.95 21.50 9.91
CA VAL A 515 4.40 21.86 11.25
C VAL A 515 5.92 21.91 11.21
N PRO A 516 6.50 23.09 11.51
CA PRO A 516 7.90 23.29 11.26
C PRO A 516 8.78 22.91 12.46
N PRO A 517 10.07 22.66 12.22
CA PRO A 517 11.01 22.30 13.28
C PRO A 517 11.11 23.38 14.35
N GLY A 518 11.39 22.95 15.58
CA GLY A 518 11.40 23.86 16.72
C GLY A 518 10.06 24.10 17.36
N THR A 519 9.02 23.41 16.89
CA THR A 519 7.75 23.33 17.60
C THR A 519 7.98 22.54 18.89
N ARG A 520 7.28 22.91 19.98
CA ARG A 520 7.47 22.23 21.26
C ARG A 520 6.37 21.24 21.55
N LEU A 521 6.76 20.03 21.99
CA LEU A 521 5.79 18.98 22.26
C LEU A 521 4.90 19.39 23.42
N GLY A 522 3.79 18.69 23.60
CA GLY A 522 2.86 18.99 24.68
C GLY A 522 3.40 18.49 26.01
N PRO A 523 2.88 18.99 27.13
CA PRO A 523 3.32 18.48 28.42
C PRO A 523 2.97 17.00 28.62
N ALA A 524 3.90 16.24 29.20
CA ALA A 524 3.66 14.83 29.50
C ALA A 524 2.85 14.71 30.80
N VAL A 525 2.31 13.52 31.07
CA VAL A 525 1.57 13.24 32.34
C VAL A 525 2.10 11.97 33.04
N GLU A 526 2.10 11.99 34.39
CA GLU A 526 2.80 10.98 35.23
C GLU A 526 2.41 9.51 34.98
N GLY A 527 1.22 9.26 34.45
CA GLY A 527 0.78 7.90 34.13
C GLY A 527 -0.07 7.74 32.88
N GLU A 528 0.05 8.67 31.93
CA GLU A 528 -0.75 8.61 30.70
C GLU A 528 -0.28 7.55 29.71
N VAL A 529 -1.24 6.83 29.12
CA VAL A 529 -0.99 6.03 27.92
C VAL A 529 -2.16 6.29 26.97
N LEU A 530 -1.89 6.29 25.67
CA LEU A 530 -2.87 6.69 24.67
C LEU A 530 -3.96 5.64 24.49
N PHE A 531 -3.57 4.42 24.12
CA PHE A 531 -4.45 3.25 24.13
C PHE A 531 -3.81 2.22 25.03
N SER A 532 -4.57 1.67 25.97
CA SER A 532 -4.06 0.66 26.89
C SER A 532 -4.59 -0.71 26.50
N LYS A 533 -3.72 -1.72 26.54
CA LYS A 533 -4.10 -3.07 26.13
C LYS A 533 -5.16 -3.62 27.06
N ARG A 534 -6.06 -4.45 26.53
CA ARG A 534 -7.02 -5.19 27.33
C ARG A 534 -6.57 -6.65 27.32
N SER A 535 -6.57 -7.28 28.50
CA SER A 535 -6.17 -8.68 28.64
C SER A 535 -6.86 -9.57 27.59
N THR A 536 -6.15 -10.62 27.15
CA THR A 536 -6.72 -11.58 26.18
C THR A 536 -7.70 -12.59 26.83
N GLU A 537 -7.65 -12.73 28.15
CA GLU A 537 -8.57 -13.62 28.92
C GLU A 537 -8.50 -15.07 28.45
N GLY B 1 3.54 10.72 -6.79
CA GLY B 1 4.96 10.86 -6.31
C GLY B 1 5.99 10.51 -7.37
N PRO B 2 6.79 11.51 -7.82
CA PRO B 2 7.82 11.28 -8.82
C PRO B 2 9.11 10.78 -8.20
N GLY B 3 9.71 9.76 -8.83
CA GLY B 3 10.95 9.15 -8.34
C GLY B 3 12.20 9.89 -8.74
N SER B 4 13.35 9.40 -8.32
CA SER B 4 14.60 10.08 -8.62
C SER B 4 14.85 10.09 -10.12
N MET B 5 15.47 11.17 -10.60
CA MET B 5 15.90 11.26 -11.98
C MET B 5 17.08 10.32 -12.21
N LYS B 6 17.47 10.18 -13.47
CA LYS B 6 18.57 9.29 -13.86
C LYS B 6 19.87 9.85 -13.29
N VAL B 7 20.86 9.00 -13.08
CA VAL B 7 22.21 9.46 -12.83
C VAL B 7 22.80 9.89 -14.18
N GLU B 8 23.73 10.83 -14.13
CA GLU B 8 24.42 11.31 -15.33
C GLU B 8 25.59 10.39 -15.73
N LYS B 9 26.15 9.67 -14.75
CA LYS B 9 27.26 8.76 -15.00
C LYS B 9 26.78 7.39 -15.47
N VAL B 10 27.71 6.49 -15.74
CA VAL B 10 27.32 5.10 -15.97
C VAL B 10 27.15 4.48 -14.60
N PHE B 11 25.94 3.98 -14.34
CA PHE B 11 25.62 3.32 -13.09
C PHE B 11 26.47 2.08 -13.03
N PHE B 12 27.30 1.98 -12.01
CA PHE B 12 28.29 0.92 -11.89
C PHE B 12 27.93 0.02 -10.72
N VAL B 13 27.46 -1.19 -11.00
CA VAL B 13 27.12 -2.14 -9.93
C VAL B 13 28.00 -3.37 -10.03
N THR B 14 28.41 -3.88 -8.87
CA THR B 14 29.32 -5.02 -8.81
C THR B 14 28.71 -6.18 -8.03
N SER B 15 29.22 -7.37 -8.31
CA SER B 15 29.11 -8.50 -7.42
C SER B 15 30.53 -8.73 -6.94
N PRO B 16 30.68 -9.58 -5.92
CA PRO B 16 32.05 -9.92 -5.55
C PRO B 16 32.63 -10.88 -6.57
N ILE B 17 33.96 -10.98 -6.59
CA ILE B 17 34.65 -11.98 -7.38
C ILE B 17 34.85 -13.22 -6.52
N TYR B 18 34.56 -14.36 -7.12
CA TYR B 18 34.38 -15.64 -6.42
C TYR B 18 35.59 -16.56 -6.55
N TYR B 19 35.95 -17.24 -5.46
CA TYR B 19 37.16 -18.07 -5.41
C TYR B 19 37.01 -19.39 -6.19
N VAL B 20 37.92 -19.60 -7.14
CA VAL B 20 37.86 -20.73 -8.07
C VAL B 20 38.28 -22.09 -7.49
N ASN B 21 38.43 -22.18 -6.18
CA ASN B 21 38.71 -23.46 -5.53
C ASN B 21 37.45 -24.29 -5.22
N ALA B 22 36.27 -23.80 -5.60
CA ALA B 22 35.01 -24.54 -5.50
C ALA B 22 34.18 -24.29 -6.76
N ALA B 23 33.27 -25.22 -7.05
CA ALA B 23 32.38 -25.05 -8.19
C ALA B 23 31.36 -24.00 -7.81
N PRO B 24 30.76 -23.34 -8.81
CA PRO B 24 29.67 -22.42 -8.55
C PRO B 24 28.54 -23.04 -7.75
N HIS B 25 28.00 -22.31 -6.78
CA HIS B 25 26.81 -22.73 -6.03
C HIS B 25 25.85 -21.58 -5.80
N ILE B 26 24.73 -21.91 -5.14
CA ILE B 26 23.66 -20.94 -4.85
C ILE B 26 24.18 -19.63 -4.26
N GLY B 27 25.19 -19.71 -3.41
CA GLY B 27 25.83 -18.51 -2.87
C GLY B 27 26.19 -17.47 -3.91
N HIS B 28 26.98 -17.89 -4.91
CA HIS B 28 27.43 -16.97 -5.97
C HIS B 28 26.29 -16.60 -6.86
N VAL B 29 25.46 -17.58 -7.16
CA VAL B 29 24.28 -17.37 -7.98
C VAL B 29 23.39 -16.28 -7.40
N TYR B 30 23.24 -16.30 -6.08
CA TYR B 30 22.39 -15.33 -5.38
C TYR B 30 22.97 -13.92 -5.39
N SER B 31 24.27 -13.81 -5.11
CA SER B 31 24.94 -12.52 -5.09
C SER B 31 24.88 -11.89 -6.46
N THR B 32 25.20 -12.65 -7.49
CA THR B 32 25.16 -12.13 -8.85
C THR B 32 23.72 -11.79 -9.28
N LEU B 33 22.72 -12.52 -8.77
CA LEU B 33 21.31 -12.20 -9.07
C LEU B 33 20.95 -10.77 -8.63
N ILE B 34 21.31 -10.42 -7.40
CA ILE B 34 21.08 -9.08 -6.88
C ILE B 34 21.80 -8.02 -7.72
N THR B 35 23.04 -8.33 -8.10
CA THR B 35 23.82 -7.47 -8.96
C THR B 35 23.10 -7.34 -10.29
N ASP B 36 22.73 -8.47 -10.84
CA ASP B 36 22.06 -8.49 -12.13
C ASP B 36 20.77 -7.68 -12.12
N VAL B 37 20.00 -7.82 -11.03
CA VAL B 37 18.70 -7.16 -10.91
C VAL B 37 18.83 -5.63 -10.79
N ILE B 38 19.71 -5.15 -9.92
CA ILE B 38 19.97 -3.70 -9.80
C ILE B 38 20.37 -3.18 -11.18
N GLY B 39 21.29 -3.90 -11.82
CA GLY B 39 21.67 -3.61 -13.19
C GLY B 39 20.49 -3.49 -14.13
N ARG B 40 19.66 -4.52 -14.16
CA ARG B 40 18.47 -4.48 -14.99
C ARG B 40 17.58 -3.27 -14.66
N TYR B 41 17.32 -3.03 -13.38
CA TYR B 41 16.49 -1.88 -13.01
C TYR B 41 17.00 -0.61 -13.69
N HIS B 42 18.25 -0.28 -13.39
CA HIS B 42 18.80 0.98 -13.84
C HIS B 42 18.87 1.05 -15.33
N ARG B 43 18.89 -0.09 -16.02
CA ARG B 43 18.78 -0.08 -17.49
C ARG B 43 17.37 0.32 -17.96
N VAL B 44 16.33 -0.32 -17.42
CA VAL B 44 14.92 0.06 -17.68
C VAL B 44 14.65 1.55 -17.44
N LYS B 45 15.28 2.08 -16.41
CA LYS B 45 15.08 3.47 -16.05
C LYS B 45 15.60 4.38 -17.17
N GLY B 46 16.55 3.84 -17.95
CA GLY B 46 17.13 4.56 -19.08
C GLY B 46 18.52 5.07 -18.79
N GLU B 47 19.22 4.40 -17.88
CA GLU B 47 20.57 4.79 -17.49
C GLU B 47 21.57 3.90 -18.19
N ARG B 48 22.77 4.43 -18.38
CA ARG B 48 23.85 3.61 -18.81
C ARG B 48 24.29 2.81 -17.58
N VAL B 49 24.46 1.50 -17.77
CA VAL B 49 24.79 0.60 -16.69
C VAL B 49 26.04 -0.22 -17.00
N PHE B 50 26.81 -0.53 -15.96
CA PHE B 50 27.94 -1.44 -16.12
C PHE B 50 27.96 -2.39 -14.93
N ALA B 51 27.55 -3.62 -15.16
CA ALA B 51 27.44 -4.62 -14.11
C ALA B 51 28.65 -5.54 -14.20
N LEU B 52 29.36 -5.70 -13.08
CA LEU B 52 30.60 -6.48 -13.04
C LEU B 52 30.48 -7.68 -12.10
N THR B 53 30.92 -8.84 -12.59
CA THR B 53 31.11 -10.05 -11.78
C THR B 53 32.45 -10.67 -12.18
N GLY B 54 32.91 -11.70 -11.48
CA GLY B 54 34.23 -12.26 -11.80
C GLY B 54 34.77 -13.29 -10.84
N THR B 55 36.03 -13.68 -11.05
CA THR B 55 36.65 -14.70 -10.21
C THR B 55 37.98 -14.24 -9.61
N ASP B 56 38.19 -14.70 -8.37
CA ASP B 56 39.42 -14.53 -7.62
C ASP B 56 40.26 -15.81 -7.79
N GLU B 57 41.41 -15.71 -8.44
CA GLU B 57 42.12 -16.90 -8.96
C GLU B 57 43.52 -17.16 -8.41
N HIS B 58 44.02 -16.27 -7.57
CA HIS B 58 45.36 -16.42 -6.98
C HIS B 58 45.29 -17.05 -5.62
N GLY B 59 46.46 -17.41 -5.09
CA GLY B 59 46.54 -17.94 -3.73
C GLY B 59 47.01 -19.38 -3.67
N GLN B 60 47.55 -19.76 -2.52
CA GLN B 60 48.11 -21.10 -2.39
C GLN B 60 47.05 -22.19 -2.42
N LYS B 61 45.82 -21.85 -2.08
CA LYS B 61 44.73 -22.82 -2.11
C LYS B 61 44.36 -23.18 -3.55
N VAL B 62 44.39 -22.20 -4.46
CA VAL B 62 44.08 -22.46 -5.86
C VAL B 62 45.22 -23.26 -6.45
N ALA B 63 46.44 -22.92 -6.05
CA ALA B 63 47.64 -23.62 -6.48
C ALA B 63 47.56 -25.09 -6.09
N GLU B 64 47.29 -25.33 -4.81
CA GLU B 64 47.18 -26.69 -4.27
C GLU B 64 46.04 -27.49 -4.86
N ALA B 65 44.89 -26.86 -5.08
CA ALA B 65 43.73 -27.53 -5.71
C ALA B 65 44.12 -28.07 -7.07
N ALA B 66 44.84 -27.26 -7.83
CA ALA B 66 45.29 -27.64 -9.17
C ALA B 66 46.35 -28.74 -9.13
N LYS B 67 47.24 -28.70 -8.14
CA LYS B 67 48.29 -29.73 -8.03
C LYS B 67 47.68 -31.11 -7.78
N GLN B 68 46.66 -31.19 -6.93
CA GLN B 68 45.93 -32.45 -6.70
C GLN B 68 45.28 -32.91 -8.01
N LYS B 69 44.76 -31.96 -8.79
CA LYS B 69 44.17 -32.28 -10.09
C LYS B 69 45.22 -32.56 -11.16
N GLN B 70 46.48 -32.23 -10.90
CA GLN B 70 47.60 -32.45 -11.82
C GLN B 70 47.42 -31.72 -13.16
N VAL B 71 46.96 -30.49 -13.08
CA VAL B 71 46.80 -29.59 -14.22
C VAL B 71 47.45 -28.30 -13.74
N SER B 72 47.98 -27.48 -14.65
CA SER B 72 48.68 -26.27 -14.19
C SER B 72 47.66 -25.30 -13.55
N PRO B 73 48.14 -24.33 -12.77
CA PRO B 73 47.20 -23.40 -12.16
C PRO B 73 46.42 -22.53 -13.16
N TYR B 74 46.99 -22.27 -14.33
CA TYR B 74 46.28 -21.46 -15.31
C TYR B 74 45.19 -22.29 -15.99
N ASP B 75 45.54 -23.50 -16.42
CA ASP B 75 44.55 -24.46 -16.92
C ASP B 75 43.37 -24.56 -15.95
N PHE B 76 43.69 -24.73 -14.67
CA PHE B 76 42.71 -24.93 -13.64
C PHE B 76 41.82 -23.72 -13.51
N THR B 77 42.43 -22.54 -13.39
CA THR B 77 41.64 -21.34 -13.16
C THR B 77 40.83 -20.96 -14.40
N THR B 78 41.38 -21.16 -15.59
CA THR B 78 40.62 -20.91 -16.82
C THR B 78 39.44 -21.86 -16.91
N ALA B 79 39.67 -23.12 -16.53
CA ALA B 79 38.63 -24.16 -16.55
C ALA B 79 37.49 -23.84 -15.59
N VAL B 80 37.82 -23.39 -14.39
CA VAL B 80 36.81 -23.16 -13.36
C VAL B 80 36.14 -21.82 -13.57
N ALA B 81 36.89 -20.82 -13.98
CA ALA B 81 36.27 -19.55 -14.38
C ALA B 81 35.24 -19.83 -15.49
N GLY B 82 35.54 -20.79 -16.37
CA GLY B 82 34.58 -21.26 -17.36
C GLY B 82 33.29 -21.78 -16.75
N GLU B 83 33.43 -22.57 -15.69
CA GLU B 83 32.28 -23.10 -14.97
C GLU B 83 31.36 -21.99 -14.49
N PHE B 84 31.96 -20.91 -13.97
CA PHE B 84 31.19 -19.79 -13.45
C PHE B 84 30.48 -19.08 -14.59
N LYS B 85 31.22 -18.77 -15.66
CA LYS B 85 30.63 -18.12 -16.83
C LYS B 85 29.40 -18.85 -17.34
N LYS B 86 29.52 -20.17 -17.48
CA LYS B 86 28.43 -21.01 -17.96
C LYS B 86 27.22 -20.97 -17.02
N PHE B 88 26.26 -18.47 -15.07
CA PHE B 88 25.57 -17.19 -15.24
C PHE B 88 24.90 -17.03 -16.61
N GLU B 89 25.26 -17.85 -17.59
CA GLU B 89 24.48 -17.93 -18.80
C GLU B 89 23.23 -18.74 -18.54
N GLN B 90 23.41 -19.93 -17.95
CA GLN B 90 22.28 -20.78 -17.59
C GLN B 90 21.27 -20.00 -16.76
N MET B 91 21.76 -19.15 -15.86
CA MET B 91 20.89 -18.30 -15.04
C MET B 91 20.30 -17.08 -15.77
N ASP B 92 20.73 -16.82 -17.01
CA ASP B 92 20.11 -15.81 -17.86
C ASP B 92 20.27 -14.42 -17.24
N TYR B 93 21.48 -14.14 -16.76
CA TYR B 93 21.83 -12.82 -16.26
C TYR B 93 22.28 -11.96 -17.44
N SER B 94 22.46 -10.69 -17.19
CA SER B 94 22.95 -9.76 -18.20
C SER B 94 24.11 -8.92 -17.61
N ILE B 95 25.17 -9.61 -17.19
CA ILE B 95 26.34 -8.95 -16.62
C ILE B 95 27.25 -8.49 -17.76
N ASP B 96 27.75 -7.27 -17.68
CA ASP B 96 28.45 -6.66 -18.78
C ASP B 96 29.90 -7.15 -18.97
N TYR B 97 30.56 -7.49 -17.87
CA TYR B 97 31.93 -8.01 -17.94
C TYR B 97 32.20 -9.02 -16.82
N PHE B 98 32.93 -10.08 -17.18
CA PHE B 98 33.44 -11.08 -16.24
C PHE B 98 34.95 -10.86 -16.03
N ILE B 99 35.32 -10.39 -14.85
CA ILE B 99 36.72 -10.09 -14.57
C ILE B 99 37.44 -11.27 -13.90
N ARG B 100 38.63 -11.57 -14.38
CA ARG B 100 39.48 -12.59 -13.78
C ARG B 100 40.75 -11.93 -13.28
N THR B 101 41.13 -12.24 -12.04
CA THR B 101 42.29 -11.61 -11.41
C THR B 101 43.63 -12.10 -11.99
N THR B 102 43.58 -13.04 -12.93
CA THR B 102 44.75 -13.45 -13.71
C THR B 102 44.91 -12.61 -14.97
N ASN B 103 43.90 -11.82 -15.30
CA ASN B 103 43.96 -10.96 -16.47
C ASN B 103 45.08 -9.96 -16.32
N GLU B 104 45.89 -9.78 -17.37
CA GLU B 104 47.05 -8.90 -17.30
C GLU B 104 46.66 -7.47 -16.95
N GLN B 105 45.59 -6.98 -17.56
CA GLN B 105 45.14 -5.61 -17.33
C GLN B 105 44.89 -5.39 -15.83
N HIS B 106 44.36 -6.39 -15.15
CA HIS B 106 44.08 -6.27 -13.72
C HIS B 106 45.35 -6.12 -12.94
N LYS B 107 46.36 -6.91 -13.30
CA LYS B 107 47.66 -6.82 -12.64
C LYS B 107 48.25 -5.43 -12.82
N ALA B 108 48.06 -4.83 -14.00
CA ALA B 108 48.54 -3.47 -14.27
C ALA B 108 48.00 -2.55 -13.21
N VAL B 109 46.69 -2.64 -12.97
CA VAL B 109 45.99 -1.75 -12.06
C VAL B 109 46.45 -1.99 -10.61
N VAL B 110 46.71 -3.25 -10.25
CA VAL B 110 47.13 -3.58 -8.88
C VAL B 110 48.50 -3.01 -8.57
N LYS B 111 49.42 -3.17 -9.50
CA LYS B 111 50.78 -2.66 -9.33
C LYS B 111 50.70 -1.15 -9.25
N GLU B 112 49.85 -0.61 -10.11
CA GLU B 112 49.66 0.81 -10.26
C GLU B 112 49.09 1.41 -8.99
N LEU B 113 48.05 0.77 -8.45
CA LEU B 113 47.47 1.19 -7.18
C LEU B 113 48.42 0.91 -6.01
N TRP B 114 49.13 -0.19 -6.06
CA TRP B 114 50.10 -0.50 -5.03
C TRP B 114 51.14 0.58 -4.95
N THR B 115 51.75 0.92 -6.08
CA THR B 115 52.79 1.94 -6.12
C THR B 115 52.34 3.27 -5.55
N LYS B 116 51.07 3.63 -5.75
CA LYS B 116 50.55 4.92 -5.27
C LYS B 116 50.49 4.92 -3.77
N LEU B 117 49.95 3.86 -3.18
CA LEU B 117 49.85 3.74 -1.74
C LEU B 117 51.21 3.77 -1.09
N GLU B 118 52.22 3.23 -1.77
CA GLU B 118 53.59 3.26 -1.28
C GLU B 118 54.18 4.66 -1.38
N GLN B 119 53.99 5.32 -2.51
CA GLN B 119 54.49 6.68 -2.71
C GLN B 119 53.90 7.69 -1.71
N LYS B 120 52.67 7.44 -1.26
CA LYS B 120 52.03 8.27 -0.23
C LYS B 120 52.60 8.01 1.17
N GLY B 121 53.33 6.91 1.34
CA GLY B 121 53.86 6.52 2.65
C GLY B 121 52.84 5.76 3.48
N ASP B 122 51.87 5.14 2.82
CA ASP B 122 50.79 4.40 3.50
C ASP B 122 51.01 2.90 3.44
N ILE B 123 51.94 2.45 2.58
CA ILE B 123 52.44 1.08 2.61
C ILE B 123 53.93 1.16 2.87
N TYR B 124 54.40 0.58 3.97
CA TYR B 124 55.83 0.55 4.28
C TYR B 124 56.33 -0.87 4.36
N LEU B 125 57.64 -1.04 4.17
CA LEU B 125 58.28 -2.35 4.35
C LEU B 125 58.80 -2.44 5.76
N GLY B 126 58.69 -3.63 6.35
CA GLY B 126 59.20 -3.86 7.70
C GLY B 126 59.52 -5.31 7.95
N ARG B 127 60.45 -5.56 8.88
CA ARG B 127 60.74 -6.90 9.34
C ARG B 127 59.73 -7.29 10.42
N TYR B 128 59.22 -8.52 10.34
CA TYR B 128 58.35 -9.06 11.36
C TYR B 128 59.05 -10.24 11.99
N GLU B 129 59.35 -10.15 13.29
CA GLU B 129 59.80 -11.31 14.06
C GLU B 129 58.65 -11.73 15.00
N GLY B 130 58.24 -12.99 14.92
CA GLY B 130 57.11 -13.48 15.71
C GLY B 130 56.69 -14.88 15.31
N TRP B 131 55.57 -15.34 15.85
CA TRP B 131 55.02 -16.64 15.47
C TRP B 131 54.17 -16.52 14.23
N TYR B 132 54.02 -17.64 13.54
CA TYR B 132 53.33 -17.69 12.25
C TYR B 132 52.83 -19.11 12.04
N SER B 133 51.51 -19.27 12.09
CA SER B 133 50.86 -20.51 11.69
C SER B 133 51.00 -20.69 10.18
N ILE B 134 51.84 -21.63 9.77
CA ILE B 134 52.05 -21.90 8.34
C ILE B 134 50.75 -22.32 7.63
N SER B 135 49.92 -23.12 8.31
CA SER B 135 48.65 -23.61 7.76
C SER B 135 47.56 -22.52 7.63
N ASP B 136 47.49 -21.60 8.58
CA ASP B 136 46.54 -20.47 8.52
C ASP B 136 46.95 -19.39 7.52
N GLU B 137 48.24 -19.36 7.15
CA GLU B 137 48.80 -18.34 6.23
C GLU B 137 48.76 -16.94 6.85
N SER B 138 48.77 -16.88 8.19
CA SER B 138 48.51 -15.64 8.94
C SER B 138 49.35 -15.51 10.21
N PHE B 139 49.53 -14.26 10.65
CA PHE B 139 50.37 -13.93 11.80
C PHE B 139 49.60 -14.15 13.12
N LEU B 140 50.28 -14.69 14.13
CA LEU B 140 49.68 -14.93 15.46
C LEU B 140 50.61 -14.43 16.59
N THR B 141 50.01 -13.95 17.68
CA THR B 141 50.73 -13.35 18.82
C THR B 141 51.06 -14.42 19.89
N PRO B 142 51.99 -14.12 20.83
CA PRO B 142 52.23 -15.00 21.98
C PRO B 142 51.01 -15.33 22.85
N GLN B 143 49.97 -14.49 22.82
CA GLN B 143 48.71 -14.78 23.54
C GLN B 143 47.89 -15.92 22.92
N ASN B 144 48.04 -16.15 21.61
CA ASN B 144 47.21 -17.10 20.85
C ASN B 144 47.74 -18.55 20.78
N ILE B 145 49.07 -18.69 20.75
CA ILE B 145 49.72 -19.99 20.48
C ILE B 145 49.59 -21.01 21.61
N THR B 167 55.23 -21.75 13.41
CA THR B 167 56.68 -21.68 13.58
C THR B 167 57.08 -20.25 13.97
N TRP B 168 58.26 -20.10 14.55
CA TRP B 168 58.86 -18.77 14.75
C TRP B 168 59.38 -18.28 13.42
N VAL B 169 59.20 -16.98 13.16
CA VAL B 169 59.53 -16.36 11.87
C VAL B 169 60.37 -15.08 12.05
N SER B 170 61.14 -14.73 11.02
CA SER B 170 61.74 -13.40 10.91
C SER B 170 61.91 -13.06 9.43
N GLU B 171 60.98 -12.28 8.89
CA GLU B 171 61.02 -11.92 7.47
C GLU B 171 60.27 -10.63 7.13
N GLU B 172 60.76 -9.94 6.09
CA GLU B 172 60.23 -8.65 5.63
C GLU B 172 58.82 -8.80 5.14
N ASN B 173 58.07 -7.72 5.21
CA ASN B 173 56.66 -7.79 4.94
C ASN B 173 56.07 -6.40 4.75
N TYR B 174 55.34 -6.20 3.67
CA TYR B 174 54.70 -4.92 3.41
C TYR B 174 53.40 -4.77 4.23
N MET B 175 53.26 -3.61 4.88
CA MET B 175 52.13 -3.32 5.74
C MET B 175 51.44 -2.06 5.26
N PHE B 176 50.11 -2.08 5.25
CA PHE B 176 49.32 -0.90 4.99
C PHE B 176 48.88 -0.25 6.32
N ARG B 177 49.27 1.00 6.52
CA ARG B 177 48.97 1.74 7.75
C ARG B 177 47.48 2.00 7.94
N LEU B 178 46.71 0.93 8.11
CA LEU B 178 45.26 1.07 8.22
C LEU B 178 44.87 2.02 9.37
N SER B 179 45.67 2.06 10.42
CA SER B 179 45.31 2.80 11.64
C SER B 179 45.23 4.33 11.47
N ALA B 180 45.86 4.89 10.45
CA ALA B 180 45.78 6.34 10.20
C ALA B 180 44.42 6.74 9.65
N PHE B 181 43.73 5.79 9.04
CA PHE B 181 42.46 6.08 8.37
C PHE B 181 41.21 5.89 9.22
N ARG B 182 41.35 5.63 10.51
CA ARG B 182 40.18 5.46 11.37
C ARG B 182 39.29 6.71 11.42
N GLU B 183 39.89 7.86 11.69
CA GLU B 183 39.11 9.10 11.77
C GLU B 183 38.41 9.37 10.44
N ARG B 184 39.14 9.35 9.33
CA ARG B 184 38.52 9.62 8.02
C ARG B 184 37.42 8.62 7.66
N LEU B 185 37.56 7.35 8.06
CA LEU B 185 36.51 6.35 7.82
C LEU B 185 35.25 6.70 8.61
N LEU B 186 35.42 6.95 9.90
CA LEU B 186 34.30 7.34 10.75
C LEU B 186 33.59 8.61 10.23
N GLU B 187 34.38 9.62 9.84
CA GLU B 187 33.85 10.82 9.17
C GLU B 187 32.95 10.37 8.04
N TRP B 188 33.48 9.49 7.20
CA TRP B 188 32.77 9.03 6.02
C TRP B 188 31.49 8.33 6.38
N TYR B 189 31.52 7.48 7.40
CA TYR B 189 30.30 6.74 7.81
C TYR B 189 29.22 7.69 8.31
N HIS B 190 29.61 8.66 9.14
CA HIS B 190 28.66 9.63 9.67
CA HIS B 190 28.68 9.67 9.68
C HIS B 190 28.24 10.63 8.62
N ALA B 191 29.13 10.95 7.69
CA ALA B 191 28.82 11.88 6.60
C ALA B 191 27.78 11.31 5.65
N ASN B 192 27.92 10.04 5.27
CA ASN B 192 27.04 9.41 4.29
C ASN B 192 26.29 8.25 4.92
N PRO B 193 25.27 8.56 5.74
CA PRO B 193 24.61 7.55 6.55
C PRO B 193 23.90 6.45 5.76
N GLY B 194 23.84 6.57 4.43
CA GLY B 194 23.31 5.50 3.59
C GLY B 194 24.38 4.71 2.87
N CYS B 195 25.65 4.95 3.19
CA CYS B 195 26.72 4.29 2.48
C CYS B 195 26.78 2.78 2.74
N ILE B 196 26.23 2.32 3.87
CA ILE B 196 26.12 0.89 4.17
C ILE B 196 24.67 0.51 4.47
N VAL B 197 24.22 -0.59 3.87
CA VAL B 197 22.85 -1.08 4.00
C VAL B 197 22.88 -2.60 4.22
N PRO B 198 22.03 -3.13 5.11
CA PRO B 198 21.05 -2.46 5.93
C PRO B 198 21.67 -1.69 7.08
N GLU B 199 20.84 -0.86 7.72
CA GLU B 199 21.30 0.09 8.71
C GLU B 199 22.03 -0.57 9.86
N PHE B 200 21.60 -1.76 10.29
CA PHE B 200 22.24 -2.40 11.43
C PHE B 200 23.64 -2.94 11.12
N ARG B 201 23.92 -3.21 9.85
CA ARG B 201 25.28 -3.55 9.43
C ARG B 201 26.17 -2.31 9.44
N ARG B 202 25.63 -1.18 9.03
CA ARG B 202 26.35 0.07 9.13
C ARG B 202 26.74 0.28 10.58
N ARG B 203 25.74 0.20 11.47
CA ARG B 203 25.95 0.46 12.90
C ARG B 203 27.06 -0.43 13.43
N GLU B 204 27.11 -1.68 12.97
CA GLU B 204 28.15 -2.65 13.36
C GLU B 204 29.54 -2.22 12.92
N VAL B 205 29.66 -1.82 11.65
CA VAL B 205 30.96 -1.41 11.10
C VAL B 205 31.51 -0.23 11.91
N ILE B 206 30.66 0.71 12.26
CA ILE B 206 31.10 1.89 13.01
C ILE B 206 31.62 1.52 14.41
N ARG B 207 30.88 0.73 15.19
CA ARG B 207 31.38 0.37 16.53
C ARG B 207 32.73 -0.31 16.36
N ALA B 208 32.80 -1.26 15.42
CA ALA B 208 34.06 -1.91 15.04
C ALA B 208 35.18 -0.91 14.82
N VAL B 209 35.02 -0.01 13.86
CA VAL B 209 36.05 0.99 13.56
C VAL B 209 36.38 1.86 14.77
N GLU B 210 35.38 2.19 15.58
CA GLU B 210 35.58 3.00 16.81
C GLU B 210 36.52 2.36 17.85
N LYS B 211 36.53 1.02 17.90
CA LYS B 211 37.38 0.29 18.83
C LYS B 211 38.87 0.41 18.49
N GLY B 212 39.19 0.63 17.22
CA GLY B 212 40.57 0.84 16.79
C GLY B 212 40.82 0.00 15.56
N LEU B 213 41.81 0.40 14.76
CA LEU B 213 42.17 -0.31 13.53
C LEU B 213 43.65 -0.65 13.51
N PRO B 214 43.97 -1.95 13.44
CA PRO B 214 45.39 -2.31 13.28
C PRO B 214 45.87 -2.19 11.83
N ASP B 215 47.19 -2.02 11.65
CA ASP B 215 47.75 -1.97 10.31
C ASP B 215 47.59 -3.35 9.63
N LEU B 216 47.53 -3.35 8.30
CA LEU B 216 47.13 -4.53 7.55
C LEU B 216 48.23 -5.03 6.66
N SER B 217 48.58 -6.29 6.85
CA SER B 217 49.64 -6.93 6.10
C SER B 217 49.13 -7.23 4.70
N VAL B 218 49.65 -6.52 3.70
CA VAL B 218 49.16 -6.65 2.33
C VAL B 218 50.07 -7.49 1.42
N SER B 219 51.09 -8.14 2.02
CA SER B 219 52.09 -8.94 1.30
C SER B 219 52.28 -10.33 1.89
N ARG B 220 52.76 -11.25 1.08
CA ARG B 220 53.32 -12.50 1.58
C ARG B 220 54.57 -12.86 0.81
N ALA B 221 55.45 -13.64 1.44
CA ALA B 221 56.58 -14.23 0.74
C ALA B 221 56.04 -15.16 -0.34
N ARG B 222 56.76 -15.27 -1.47
CA ARG B 222 56.25 -16.01 -2.63
C ARG B 222 56.23 -17.53 -2.42
N ALA B 223 57.22 -18.05 -1.70
CA ALA B 223 57.22 -19.45 -1.30
C ALA B 223 55.89 -19.80 -0.63
N THR B 224 55.38 -18.90 0.23
CA THR B 224 54.09 -19.05 0.93
C THR B 224 52.92 -19.27 -0.03
N LEU B 225 52.89 -18.47 -1.11
CA LEU B 225 51.78 -18.50 -2.09
C LEU B 225 52.06 -19.40 -3.28
N HIS B 226 53.00 -20.33 -3.15
CA HIS B 226 53.34 -21.25 -4.24
C HIS B 226 53.56 -20.54 -5.56
N ASN B 227 54.12 -19.34 -5.50
CA ASN B 227 54.35 -18.53 -6.69
C ASN B 227 53.12 -18.35 -7.57
N TRP B 228 51.97 -18.13 -6.95
CA TRP B 228 50.71 -17.99 -7.68
C TRP B 228 49.96 -16.77 -7.18
N ALA B 229 50.48 -15.61 -7.58
CA ALA B 229 50.01 -14.31 -7.11
C ALA B 229 50.68 -13.21 -7.95
N ILE B 230 50.28 -11.96 -7.76
CA ILE B 230 50.94 -10.85 -8.49
C ILE B 230 52.22 -10.44 -7.75
N PRO B 231 53.33 -10.23 -8.49
CA PRO B 231 54.56 -9.75 -7.83
C PRO B 231 54.50 -8.32 -7.33
N VAL B 232 54.98 -8.10 -6.11
CA VAL B 232 55.08 -6.75 -5.57
C VAL B 232 56.03 -5.91 -6.44
N PRO B 233 55.61 -4.72 -6.89
CA PRO B 233 56.41 -3.78 -7.66
C PRO B 233 57.77 -3.48 -7.04
N GLY B 234 58.83 -3.68 -7.81
CA GLY B 234 60.18 -3.48 -7.31
C GLY B 234 60.66 -4.52 -6.30
N ASN B 235 59.87 -5.54 -6.02
CA ASN B 235 60.31 -6.63 -5.13
C ASN B 235 59.69 -8.00 -5.46
N PRO B 236 60.31 -8.75 -6.39
CA PRO B 236 59.73 -9.97 -6.90
C PRO B 236 59.80 -11.15 -5.91
N ASP B 237 60.46 -10.96 -4.77
CA ASP B 237 60.48 -11.94 -3.70
C ASP B 237 59.22 -11.93 -2.85
N HIS B 238 58.33 -10.98 -3.10
CA HIS B 238 57.04 -10.90 -2.42
C HIS B 238 55.87 -10.72 -3.39
N VAL B 240 51.50 -9.64 -3.91
CA VAL B 240 50.32 -8.97 -3.39
C VAL B 240 49.31 -10.00 -2.91
N TYR B 241 49.00 -9.92 -1.63
CA TYR B 241 48.05 -10.80 -0.96
C TYR B 241 46.65 -10.32 -1.22
N VAL B 242 45.68 -11.17 -0.89
CA VAL B 242 44.25 -10.99 -1.20
C VAL B 242 43.67 -9.56 -1.28
N TRP B 243 44.02 -8.70 -0.32
CA TRP B 243 43.35 -7.40 -0.14
C TRP B 243 43.50 -6.48 -1.32
N LEU B 244 44.72 -6.19 -1.74
CA LEU B 244 44.89 -5.30 -2.89
C LEU B 244 44.78 -6.03 -4.26
N ASP B 245 44.50 -7.33 -4.23
CA ASP B 245 44.27 -8.11 -5.46
C ASP B 245 42.78 -8.22 -5.73
N ALA B 246 42.05 -8.81 -4.78
CA ALA B 246 40.62 -9.07 -4.95
C ALA B 246 39.81 -7.77 -5.00
N LEU B 247 39.89 -6.98 -3.94
CA LEU B 247 39.11 -5.75 -3.87
C LEU B 247 39.35 -4.85 -5.09
N THR B 248 40.57 -4.88 -5.63
CA THR B 248 40.94 -3.95 -6.72
C THR B 248 40.29 -4.28 -8.07
N ASN B 249 39.58 -5.41 -8.17
CA ASN B 249 38.88 -5.73 -9.41
C ASN B 249 37.82 -4.69 -9.76
N TYR B 250 37.23 -4.08 -8.73
CA TYR B 250 36.21 -3.07 -8.92
C TYR B 250 36.81 -1.87 -9.66
N LEU B 251 38.08 -1.58 -9.41
CA LEU B 251 38.78 -0.49 -10.09
C LEU B 251 39.20 -0.88 -11.51
N THR B 252 39.74 -2.09 -11.67
CA THR B 252 40.10 -2.59 -12.99
C THR B 252 38.88 -2.53 -13.91
N GLY B 253 37.77 -3.10 -13.43
CA GLY B 253 36.53 -3.18 -14.20
C GLY B 253 36.09 -1.83 -14.71
N SER B 254 36.33 -0.80 -13.91
CA SER B 254 35.87 0.55 -14.23
C SER B 254 36.68 1.24 -15.30
N ARG B 255 37.84 0.65 -15.61
CA ARG B 255 38.79 1.23 -16.56
C ARG B 255 38.96 0.41 -17.85
N LEU B 256 38.13 -0.62 -18.03
CA LEU B 256 38.23 -1.47 -19.22
C LEU B 256 37.17 -1.11 -20.24
N ARG B 257 37.60 -0.74 -21.45
CA ARG B 257 36.70 -0.72 -22.61
C ARG B 257 36.37 -2.17 -22.93
N VAL B 258 35.09 -2.47 -23.11
CA VAL B 258 34.64 -3.84 -23.42
C VAL B 258 33.96 -3.84 -24.78
N ASP B 259 34.10 -4.93 -25.53
CA ASP B 259 33.55 -5.01 -26.89
C ASP B 259 32.14 -5.68 -26.96
N GLU B 260 31.74 -6.11 -28.15
CA GLU B 260 30.45 -6.78 -28.38
C GLU B 260 30.33 -8.10 -27.64
N SER B 261 31.36 -8.94 -27.78
CA SER B 261 31.36 -10.29 -27.26
C SER B 261 31.70 -10.35 -25.77
N GLY B 262 32.14 -9.23 -25.19
CA GLY B 262 32.48 -9.15 -23.77
C GLY B 262 33.98 -9.20 -23.46
N LYS B 263 34.83 -9.16 -24.48
CA LYS B 263 36.29 -9.18 -24.31
C LYS B 263 36.86 -7.80 -23.98
N GLU B 264 37.82 -7.75 -23.04
CA GLU B 264 38.58 -6.51 -22.78
C GLU B 264 39.39 -6.10 -24.02
N VAL B 265 39.47 -4.80 -24.25
CA VAL B 265 40.13 -4.26 -25.43
C VAL B 265 41.24 -3.28 -25.03
N SER B 266 41.02 -2.55 -23.93
CA SER B 266 41.92 -1.50 -23.51
C SER B 266 41.76 -1.26 -22.03
N LEU B 267 42.85 -0.88 -21.36
CA LEU B 267 42.77 -0.39 -19.99
C LEU B 267 43.03 1.11 -20.04
N VAL B 268 41.95 1.85 -20.02
CA VAL B 268 42.00 3.30 -19.92
C VAL B 268 42.84 3.72 -18.72
N ASP B 269 43.61 4.80 -18.88
CA ASP B 269 44.46 5.34 -17.79
C ASP B 269 43.65 6.07 -16.74
N ASP B 270 42.76 6.94 -17.19
CA ASP B 270 41.91 7.71 -16.29
C ASP B 270 40.49 7.10 -16.18
N PHE B 271 40.16 6.58 -14.99
CA PHE B 271 38.84 5.99 -14.75
C PHE B 271 37.71 6.94 -15.12
N ASN B 272 37.97 8.25 -14.98
CA ASN B 272 36.99 9.29 -15.37
C ASN B 272 36.48 9.14 -16.80
N GLU B 273 37.30 8.65 -17.71
CA GLU B 273 36.87 8.57 -19.10
C GLU B 273 35.68 7.63 -19.35
N LEU B 274 35.60 6.54 -18.59
CA LEU B 274 34.50 5.59 -18.73
C LEU B 274 33.30 5.90 -17.83
N GLU B 275 33.48 6.88 -16.93
CA GLU B 275 32.41 7.41 -16.06
C GLU B 275 31.80 6.35 -15.15
N ARG B 276 32.61 5.38 -14.74
CA ARG B 276 32.10 4.23 -13.99
C ARG B 276 32.44 4.30 -12.52
N PHE B 277 33.70 4.57 -12.22
CA PHE B 277 34.16 4.50 -10.85
C PHE B 277 33.71 5.75 -10.11
N PRO B 278 33.29 5.59 -8.85
CA PRO B 278 33.17 4.38 -8.04
C PRO B 278 31.83 3.67 -8.18
N ALA B 279 31.72 2.46 -7.65
CA ALA B 279 30.48 1.70 -7.78
C ALA B 279 29.39 2.46 -7.08
N ASP B 280 28.26 2.62 -7.73
CA ASP B 280 27.08 3.14 -7.07
C ASP B 280 26.51 2.09 -6.09
N VAL B 281 26.64 0.81 -6.42
CA VAL B 281 26.29 -0.29 -5.51
C VAL B 281 27.31 -1.44 -5.56
N HIS B 282 27.88 -1.77 -4.41
CA HIS B 282 28.65 -3.01 -4.22
C HIS B 282 27.77 -4.03 -3.58
N VAL B 283 27.42 -5.09 -4.31
CA VAL B 283 26.67 -6.21 -3.72
C VAL B 283 27.70 -7.16 -3.14
N ILE B 284 27.42 -7.65 -1.93
CA ILE B 284 28.30 -8.58 -1.20
C ILE B 284 27.52 -9.37 -0.13
N GLY B 285 28.09 -10.45 0.37
CA GLY B 285 27.50 -11.12 1.51
C GLY B 285 27.96 -10.43 2.77
N LYS B 286 27.32 -10.71 3.90
CA LYS B 286 27.72 -10.11 5.17
C LYS B 286 29.13 -10.51 5.58
N ASP B 287 29.54 -11.70 5.18
CA ASP B 287 30.85 -12.23 5.53
C ASP B 287 32.07 -11.39 5.11
N ILE B 288 31.94 -10.59 4.05
CA ILE B 288 33.07 -9.77 3.55
C ILE B 288 32.81 -8.25 3.66
N LEU B 289 32.01 -7.89 4.66
CA LEU B 289 31.62 -6.51 4.90
C LEU B 289 32.81 -5.73 5.41
N LYS B 290 33.43 -6.22 6.48
CA LYS B 290 34.67 -5.65 7.01
C LYS B 290 35.62 -5.22 5.89
N PHE B 291 35.84 -6.11 4.94
CA PHE B 291 36.82 -5.90 3.89
C PHE B 291 36.37 -4.84 2.87
N HIS B 292 35.06 -4.72 2.67
CA HIS B 292 34.48 -3.71 1.77
C HIS B 292 34.24 -2.35 2.41
N ALA B 293 33.93 -2.34 3.70
CA ALA B 293 33.53 -1.13 4.41
C ALA B 293 34.68 -0.46 5.16
N ILE B 294 35.75 -1.22 5.41
CA ILE B 294 36.92 -0.72 6.15
C ILE B 294 38.19 -0.69 5.26
N TYR B 295 38.67 -1.84 4.82
CA TYR B 295 39.93 -1.91 4.05
C TYR B 295 39.82 -1.23 2.70
N TRP B 296 38.81 -1.61 1.93
CA TRP B 296 38.60 -1.04 0.60
C TRP B 296 38.59 0.50 0.59
N PRO B 297 37.73 1.16 1.40
CA PRO B 297 37.75 2.63 1.44
C PRO B 297 39.08 3.23 1.87
N ALA B 298 39.72 2.61 2.84
CA ALA B 298 41.04 3.02 3.30
C ALA B 298 42.03 3.06 2.13
N PHE B 299 42.05 1.99 1.33
CA PHE B 299 42.86 1.95 0.11
C PHE B 299 42.51 3.10 -0.81
N LEU B 300 41.21 3.32 -1.03
CA LEU B 300 40.73 4.37 -1.94
C LEU B 300 41.09 5.75 -1.41
N LEU B 301 40.99 5.92 -0.09
CA LEU B 301 41.31 7.20 0.56
C LEU B 301 42.81 7.51 0.41
N SER B 302 43.65 6.50 0.62
CA SER B 302 45.09 6.65 0.42
C SER B 302 45.41 7.03 -1.03
N ALA B 303 44.74 6.37 -1.97
CA ALA B 303 44.97 6.60 -3.39
C ALA B 303 44.42 7.93 -3.90
N GLY B 304 43.65 8.63 -3.06
CA GLY B 304 42.96 9.83 -3.49
C GLY B 304 41.85 9.53 -4.49
N LEU B 305 41.29 8.34 -4.42
CA LEU B 305 40.21 7.91 -5.31
C LEU B 305 38.84 8.08 -4.60
N PRO B 306 37.76 8.20 -5.39
CA PRO B 306 36.44 8.35 -4.78
C PRO B 306 35.94 7.05 -4.19
N LEU B 307 35.15 7.18 -3.14
CA LEU B 307 34.60 6.03 -2.43
C LEU B 307 33.27 5.66 -3.05
N PRO B 308 32.90 4.38 -2.95
CA PRO B 308 31.62 3.98 -3.52
C PRO B 308 30.47 4.62 -2.77
N LYS B 309 29.29 4.62 -3.37
CA LYS B 309 28.16 5.34 -2.80
C LYS B 309 27.44 4.49 -1.75
N LYS B 310 27.35 3.18 -2.00
CA LYS B 310 26.59 2.23 -1.17
C LYS B 310 27.20 0.84 -1.19
N ILE B 311 27.27 0.20 -0.04
CA ILE B 311 27.63 -1.22 0.05
C ILE B 311 26.44 -1.97 0.64
N VAL B 312 25.82 -2.86 -0.14
CA VAL B 312 24.71 -3.68 0.38
C VAL B 312 25.20 -5.10 0.72
N ALA B 313 24.81 -5.57 1.91
CA ALA B 313 25.21 -6.90 2.43
C ALA B 313 23.98 -7.74 2.74
N HIS B 314 23.95 -8.97 2.25
CA HIS B 314 22.82 -9.89 2.47
C HIS B 314 23.20 -11.04 3.38
N GLY B 315 22.28 -11.97 3.61
CA GLY B 315 22.51 -13.10 4.51
C GLY B 315 22.60 -14.46 3.84
N TRP B 316 22.61 -15.50 4.65
CA TRP B 316 22.96 -16.88 4.22
C TRP B 316 21.80 -17.86 4.16
N TRP B 317 21.68 -18.58 3.04
CA TRP B 317 20.61 -19.58 2.82
C TRP B 317 20.78 -20.89 3.54
N THR B 318 19.64 -21.52 3.83
CA THR B 318 19.54 -22.90 4.32
C THR B 318 18.25 -23.53 3.76
N LYS B 319 18.38 -24.68 3.08
CA LYS B 319 17.22 -25.37 2.50
C LYS B 319 16.46 -26.15 3.59
N ASP B 320 15.17 -25.84 3.79
CA ASP B 320 14.30 -26.50 4.78
C ASP B 320 14.69 -26.23 6.26
N ARG B 321 15.35 -25.09 6.50
CA ARG B 321 15.89 -24.73 7.83
C ARG B 321 17.21 -25.46 8.19
N LYS B 322 17.76 -26.24 7.26
CA LYS B 322 18.98 -27.04 7.47
C LYS B 322 20.11 -26.59 6.54
N LYS B 323 21.36 -26.62 7.01
CA LYS B 323 22.52 -26.10 6.26
C LYS B 323 22.75 -26.81 4.90
N ILE B 324 23.21 -26.06 3.90
CA ILE B 324 23.36 -26.57 2.51
C ILE B 324 24.53 -27.55 2.38
N SER B 327 28.12 -33.15 2.34
CA SER B 327 27.39 -34.09 3.18
C SER B 327 26.21 -33.39 3.88
N LEU B 328 25.56 -34.11 4.81
CA LEU B 328 24.38 -33.62 5.52
C LEU B 328 23.24 -33.22 4.56
N GLY B 329 23.16 -33.90 3.41
CA GLY B 329 22.12 -33.65 2.40
C GLY B 329 21.98 -32.20 1.99
N ASN B 330 20.77 -31.83 1.59
CA ASN B 330 20.40 -30.43 1.26
C ASN B 330 21.27 -29.71 0.21
N VAL B 331 21.50 -30.39 -0.91
CA VAL B 331 21.97 -29.73 -2.11
C VAL B 331 20.83 -28.83 -2.55
N PHE B 332 21.06 -27.53 -2.60
CA PHE B 332 20.08 -26.61 -3.18
C PHE B 332 20.63 -26.15 -4.52
N ASP B 333 20.25 -26.85 -5.59
CA ASP B 333 20.85 -26.65 -6.92
C ASP B 333 19.99 -25.71 -7.76
N PRO B 334 20.54 -24.54 -8.14
CA PRO B 334 19.68 -23.56 -8.83
C PRO B 334 19.28 -23.93 -10.27
N VAL B 335 20.09 -24.72 -10.97
CA VAL B 335 19.74 -25.09 -12.35
C VAL B 335 18.63 -26.14 -12.32
N GLU B 336 18.69 -27.03 -11.32
CA GLU B 336 17.62 -28.00 -11.09
C GLU B 336 16.27 -27.32 -10.81
N LYS B 337 16.24 -26.42 -9.85
CA LYS B 337 14.99 -25.76 -9.45
C LYS B 337 14.43 -24.90 -10.57
N ALA B 338 15.30 -24.14 -11.24
CA ALA B 338 14.85 -23.28 -12.35
C ALA B 338 14.35 -24.11 -13.54
N GLU B 339 14.92 -25.29 -13.74
CA GLU B 339 14.41 -26.20 -14.76
C GLU B 339 13.01 -26.67 -14.37
N GLU B 340 12.82 -26.97 -13.08
CA GLU B 340 11.50 -27.50 -12.64
C GLU B 340 10.41 -26.45 -12.53
N PHE B 341 10.73 -25.30 -11.92
CA PHE B 341 9.75 -24.25 -11.60
C PHE B 341 9.82 -23.01 -12.52
N GLY B 342 10.84 -22.95 -13.38
CA GLY B 342 11.07 -21.81 -14.27
C GLY B 342 12.12 -20.85 -13.73
N TYR B 343 13.07 -20.47 -14.58
CA TYR B 343 14.11 -19.49 -14.22
C TYR B 343 13.58 -18.17 -13.59
N ASP B 344 12.78 -17.43 -14.34
CA ASP B 344 12.18 -16.19 -13.80
C ASP B 344 11.49 -16.43 -12.47
N ALA B 345 10.77 -17.55 -12.36
CA ALA B 345 10.05 -17.88 -11.13
C ALA B 345 11.03 -17.96 -9.97
N LEU B 346 12.05 -18.81 -10.12
CA LEU B 346 13.09 -18.98 -9.11
C LEU B 346 13.73 -17.67 -8.71
N LYS B 347 14.04 -16.83 -9.70
CA LYS B 347 14.60 -15.51 -9.44
C LYS B 347 13.62 -14.67 -8.59
N TYR B 348 12.33 -14.76 -8.92
CA TYR B 348 11.34 -14.07 -8.12
C TYR B 348 11.35 -14.54 -6.68
N PHE B 349 11.47 -15.85 -6.48
CA PHE B 349 11.38 -16.43 -5.15
C PHE B 349 12.55 -16.03 -4.27
N LEU B 350 13.75 -16.26 -4.76
CA LEU B 350 14.94 -15.94 -4.00
C LEU B 350 14.90 -14.50 -3.51
N LEU B 351 14.51 -13.60 -4.42
CA LEU B 351 14.48 -12.18 -4.13
C LEU B 351 13.30 -11.79 -3.26
N ARG B 352 12.22 -12.57 -3.35
CA ARG B 352 11.00 -12.29 -2.61
C ARG B 352 11.06 -12.83 -1.20
N GLU B 353 11.71 -13.97 -1.04
CA GLU B 353 11.70 -14.69 0.23
C GLU B 353 12.61 -14.08 1.32
N SER B 354 13.64 -13.32 0.96
CA SER B 354 14.51 -12.78 2.00
C SER B 354 15.12 -11.42 1.69
N GLY B 355 15.86 -10.90 2.66
CA GLY B 355 16.65 -9.68 2.51
C GLY B 355 17.15 -9.14 3.85
N ASP B 358 18.44 -10.76 6.50
CA ASP B 358 17.53 -11.85 6.83
C ASP B 358 18.07 -13.22 6.42
N ASP B 359 17.53 -14.26 7.06
CA ASP B 359 17.81 -15.66 6.71
C ASP B 359 16.47 -16.42 6.56
N GLY B 360 15.75 -16.11 5.48
CA GLY B 360 14.44 -16.71 5.21
C GLY B 360 14.58 -18.14 4.71
N ASP B 361 13.48 -18.91 4.79
CA ASP B 361 13.52 -20.35 4.50
C ASP B 361 12.95 -20.73 3.12
N TYR B 362 13.77 -21.45 2.34
CA TYR B 362 13.31 -22.14 1.14
C TYR B 362 12.77 -23.52 1.47
N SER B 363 11.65 -23.87 0.86
CA SER B 363 11.25 -25.26 0.70
C SER B 363 10.51 -25.37 -0.63
N ASP B 364 10.28 -26.60 -1.09
CA ASP B 364 9.46 -26.81 -2.28
C ASP B 364 8.01 -26.42 -1.98
N LYS B 365 7.53 -26.77 -0.78
CA LYS B 365 6.18 -26.39 -0.36
C LYS B 365 5.98 -24.90 -0.52
N ASN B 366 6.92 -24.12 0.01
CA ASN B 366 6.85 -22.66 0.05
C ASN B 366 7.19 -22.00 -1.30
N MET B 367 8.10 -22.61 -2.03
CA MET B 367 8.42 -22.21 -3.41
C MET B 367 7.17 -22.25 -4.27
N ILE B 368 6.43 -23.35 -4.16
CA ILE B 368 5.17 -23.54 -4.85
C ILE B 368 4.10 -22.61 -4.30
N ALA B 369 4.08 -22.40 -2.99
CA ALA B 369 3.13 -21.50 -2.35
C ALA B 369 3.14 -20.14 -3.06
N ARG B 370 4.31 -19.54 -3.20
CA ARG B 370 4.44 -18.20 -3.80
C ARG B 370 4.21 -18.21 -5.31
N LEU B 371 4.75 -19.23 -6.00
CA LEU B 371 4.57 -19.40 -7.45
C LEU B 371 3.09 -19.37 -7.82
N ASN B 372 2.28 -20.16 -7.11
CA ASN B 372 0.86 -20.25 -7.37
C ASN B 372 0.12 -19.04 -6.86
N GLY B 373 0.43 -18.63 -5.64
CA GLY B 373 -0.27 -17.53 -4.99
C GLY B 373 -0.09 -16.18 -5.64
N GLU B 374 1.16 -15.83 -5.95
CA GLU B 374 1.50 -14.49 -6.46
C GLU B 374 1.69 -14.45 -7.98
N LEU B 375 2.54 -15.33 -8.50
CA LEU B 375 2.90 -15.27 -9.92
C LEU B 375 1.76 -15.68 -10.82
N ALA B 376 1.15 -16.84 -10.54
CA ALA B 376 -0.03 -17.31 -11.29
C ALA B 376 -1.31 -16.56 -10.90
N ASP B 377 -1.74 -16.72 -9.65
CA ASP B 377 -3.01 -16.15 -9.18
C ASP B 377 -3.10 -14.63 -9.26
N THR B 378 -2.09 -13.90 -8.78
CA THR B 378 -2.20 -12.45 -8.79
C THR B 378 -1.82 -11.86 -10.14
N LEU B 379 -0.63 -12.18 -10.63
CA LEU B 379 -0.10 -11.57 -11.84
C LEU B 379 -0.70 -12.18 -13.12
N GLY B 380 -0.41 -13.46 -13.34
CA GLY B 380 -0.84 -14.15 -14.55
C GLY B 380 -2.33 -14.04 -14.79
N ASN B 381 -3.11 -14.26 -13.73
CA ASN B 381 -4.57 -14.17 -13.77
C ASN B 381 -5.03 -12.84 -14.35
N LEU B 382 -4.41 -11.78 -13.86
CA LEU B 382 -4.77 -10.44 -14.23
C LEU B 382 -4.49 -10.21 -15.71
N VAL B 383 -3.34 -10.70 -16.16
CA VAL B 383 -2.92 -10.54 -17.56
C VAL B 383 -3.92 -11.20 -18.49
N MET B 384 -4.38 -12.39 -18.13
CA MET B 384 -5.33 -13.13 -18.94
C MET B 384 -6.66 -12.42 -18.98
N ARG B 385 -7.11 -11.93 -17.83
CA ARG B 385 -8.40 -11.22 -17.74
C ARG B 385 -8.50 -10.03 -18.68
N CYS B 386 -7.44 -9.20 -18.76
CA CYS B 386 -7.49 -7.99 -19.58
C CYS B 386 -7.17 -8.25 -21.05
N THR B 387 -6.50 -9.36 -21.36
CA THR B 387 -6.18 -9.71 -22.74
C THR B 387 -7.24 -10.61 -23.36
N SER B 388 -8.02 -11.27 -22.52
CA SER B 388 -9.07 -12.24 -22.92
C SER B 388 -10.04 -11.77 -24.00
N ALA B 389 -10.44 -12.69 -24.88
CA ALA B 389 -11.40 -12.38 -25.95
C ALA B 389 -12.83 -12.18 -25.44
N LYS B 390 -13.18 -12.82 -24.32
CA LYS B 390 -14.51 -12.69 -23.74
C LYS B 390 -14.71 -11.28 -23.23
N ILE B 391 -13.69 -10.73 -22.56
CA ILE B 391 -13.76 -9.41 -21.94
C ILE B 391 -13.27 -8.30 -22.88
N ASN B 392 -12.06 -8.46 -23.39
CA ASN B 392 -11.46 -7.51 -24.33
C ASN B 392 -11.75 -8.00 -25.76
N VAL B 393 -12.95 -7.68 -26.23
CA VAL B 393 -13.45 -8.29 -27.46
C VAL B 393 -12.84 -7.65 -28.69
N ASN B 394 -12.52 -6.36 -28.61
CA ASN B 394 -11.91 -5.64 -29.72
C ASN B 394 -10.44 -5.96 -29.95
N GLY B 395 -9.83 -6.65 -29.00
CA GLY B 395 -8.41 -6.95 -29.07
C GLY B 395 -7.59 -5.68 -29.12
N GLU B 396 -7.85 -4.77 -28.18
CA GLU B 396 -7.15 -3.50 -28.16
C GLU B 396 -7.26 -2.79 -26.82
N TRP B 397 -6.47 -1.75 -26.68
CA TRP B 397 -6.55 -0.81 -25.57
C TRP B 397 -7.66 0.19 -25.82
N PRO B 398 -8.72 0.17 -25.01
CA PRO B 398 -9.80 1.12 -25.29
C PRO B 398 -9.53 2.53 -24.78
N SER B 399 -10.28 3.48 -25.32
CA SER B 399 -10.26 4.85 -24.86
C SER B 399 -11.23 4.94 -23.68
N PRO B 400 -10.78 5.48 -22.54
CA PRO B 400 -11.60 5.39 -21.34
C PRO B 400 -12.68 6.47 -21.30
N ALA B 401 -13.80 6.17 -20.65
CA ALA B 401 -14.89 7.15 -20.47
C ALA B 401 -14.70 7.98 -19.19
N ALA B 402 -15.81 8.38 -18.58
CA ALA B 402 -15.79 9.09 -17.31
C ALA B 402 -15.13 8.23 -16.25
N TYR B 403 -14.36 8.86 -15.36
CA TYR B 403 -13.67 8.17 -14.27
C TYR B 403 -14.44 8.33 -12.95
N THR B 404 -14.79 7.24 -12.28
CA THR B 404 -15.33 7.33 -10.92
C THR B 404 -14.21 7.53 -9.90
N GLU B 405 -14.56 7.86 -8.66
CA GLU B 405 -13.58 7.87 -7.56
C GLU B 405 -13.00 6.48 -7.29
N GLU B 406 -13.80 5.45 -7.55
CA GLU B 406 -13.34 4.05 -7.51
C GLU B 406 -12.13 3.92 -8.45
N ASP B 407 -12.30 4.39 -9.69
CA ASP B 407 -11.24 4.36 -10.69
C ASP B 407 -10.04 5.20 -10.25
N GLU B 408 -10.31 6.43 -9.84
CA GLU B 408 -9.26 7.36 -9.50
C GLU B 408 -8.39 6.82 -8.39
N SER B 409 -9.00 6.13 -7.43
CA SER B 409 -8.26 5.57 -6.30
C SER B 409 -7.21 4.56 -6.76
N LEU B 410 -7.57 3.71 -7.72
CA LEU B 410 -6.63 2.76 -8.30
C LEU B 410 -5.58 3.48 -9.12
N ILE B 411 -6.03 4.46 -9.88
CA ILE B 411 -5.14 5.24 -10.74
C ILE B 411 -4.04 5.86 -9.89
N GLN B 412 -4.40 6.33 -8.70
CA GLN B 412 -3.45 6.99 -7.82
C GLN B 412 -2.34 6.04 -7.40
N LEU B 413 -2.72 4.79 -7.12
CA LEU B 413 -1.76 3.75 -6.74
C LEU B 413 -0.81 3.48 -7.90
N ILE B 414 -1.36 3.41 -9.10
CA ILE B 414 -0.58 3.16 -10.31
C ILE B 414 0.35 4.34 -10.60
N LYS B 415 -0.15 5.56 -10.45
CA LYS B 415 0.69 6.74 -10.61
C LYS B 415 1.81 6.81 -9.56
N ASP B 416 1.49 6.45 -8.32
CA ASP B 416 2.45 6.57 -7.21
C ASP B 416 3.46 5.44 -7.09
N LEU B 417 3.27 4.37 -7.87
CA LEU B 417 4.09 3.16 -7.75
C LEU B 417 5.52 3.34 -8.25
N PRO B 418 5.72 3.87 -9.46
CA PRO B 418 7.11 4.02 -9.90
C PRO B 418 7.97 4.81 -8.94
N GLY B 419 7.42 5.85 -8.33
CA GLY B 419 8.19 6.63 -7.37
C GLY B 419 8.65 5.81 -6.19
N THR B 420 7.74 5.03 -5.61
CA THR B 420 8.05 4.25 -4.42
C THR B 420 8.90 3.04 -4.79
N ALA B 421 8.59 2.38 -5.90
CA ALA B 421 9.46 1.32 -6.42
C ALA B 421 10.89 1.83 -6.56
N ASP B 422 11.08 2.94 -7.29
CA ASP B 422 12.42 3.50 -7.52
C ASP B 422 13.22 3.69 -6.25
N HIS B 423 12.60 4.22 -5.21
CA HIS B 423 13.31 4.41 -3.95
C HIS B 423 13.76 3.10 -3.42
N TYR B 424 12.83 2.15 -3.29
CA TYR B 424 13.16 0.83 -2.78
C TYR B 424 14.34 0.22 -3.51
N TYR B 425 14.33 0.32 -4.84
CA TYR B 425 15.43 -0.17 -5.70
C TYR B 425 16.73 0.59 -5.40
N LEU B 426 16.64 1.87 -5.10
CA LEU B 426 17.84 2.66 -4.85
C LEU B 426 18.47 2.43 -3.47
N ILE B 427 17.70 1.91 -2.52
CA ILE B 427 18.19 1.69 -1.15
C ILE B 427 19.50 0.89 -1.10
N PRO B 428 19.56 -0.26 -1.78
CA PRO B 428 18.53 -1.03 -2.50
C PRO B 428 17.87 -2.09 -1.62
N ASP B 429 16.55 -2.28 -1.77
CA ASP B 429 15.80 -3.33 -1.06
C ASP B 429 14.80 -4.00 -2.01
N ILE B 430 15.28 -4.99 -2.77
CA ILE B 430 14.53 -5.52 -3.90
C ILE B 430 13.27 -6.25 -3.46
N GLN B 431 13.28 -6.73 -2.23
CA GLN B 431 12.12 -7.40 -1.65
C GLN B 431 11.00 -6.37 -1.49
N LYS B 432 11.33 -5.28 -0.81
CA LYS B 432 10.38 -4.20 -0.65
C LYS B 432 9.86 -3.70 -2.02
N ALA B 433 10.75 -3.66 -3.01
CA ALA B 433 10.37 -3.21 -4.33
C ALA B 433 9.30 -4.13 -4.90
N ILE B 434 9.49 -5.44 -4.74
CA ILE B 434 8.50 -6.44 -5.19
C ILE B 434 7.16 -6.29 -4.44
N ILE B 435 7.23 -6.22 -3.12
CA ILE B 435 6.03 -6.07 -2.30
C ILE B 435 5.21 -4.86 -2.74
N ALA B 436 5.90 -3.76 -3.02
CA ALA B 436 5.26 -2.52 -3.44
C ALA B 436 4.52 -2.70 -4.78
N VAL B 437 5.18 -3.32 -5.74
CA VAL B 437 4.55 -3.61 -7.02
C VAL B 437 3.36 -4.55 -6.82
N PHE B 438 3.57 -5.61 -6.03
CA PHE B 438 2.52 -6.60 -5.82
C PHE B 438 1.31 -6.09 -5.04
N ASP B 439 1.54 -5.11 -4.16
CA ASP B 439 0.45 -4.47 -3.46
C ASP B 439 -0.51 -3.85 -4.49
N VAL B 440 0.05 -3.26 -5.53
CA VAL B 440 -0.77 -2.63 -6.55
C VAL B 440 -1.44 -3.70 -7.42
N LEU B 441 -0.72 -4.78 -7.71
CA LEU B 441 -1.33 -5.91 -8.41
C LEU B 441 -2.56 -6.43 -7.64
N ARG B 442 -2.42 -6.63 -6.34
CA ARG B 442 -3.52 -7.08 -5.52
C ARG B 442 -4.70 -6.13 -5.65
N ALA B 443 -4.43 -4.84 -5.58
CA ALA B 443 -5.48 -3.81 -5.73
C ALA B 443 -6.15 -3.89 -7.10
N ILE B 444 -5.37 -3.99 -8.17
CA ILE B 444 -5.96 -4.13 -9.51
C ILE B 444 -6.92 -5.31 -9.58
N ASN B 445 -6.50 -6.48 -9.08
CA ASN B 445 -7.38 -7.64 -9.02
C ASN B 445 -8.68 -7.32 -8.26
N ALA B 446 -8.54 -6.66 -7.11
CA ALA B 446 -9.70 -6.19 -6.34
C ALA B 446 -10.63 -5.34 -7.20
N TYR B 447 -10.06 -4.31 -7.82
CA TYR B 447 -10.80 -3.43 -8.74
C TYR B 447 -11.56 -4.22 -9.81
N VAL B 448 -10.87 -5.19 -10.43
CA VAL B 448 -11.49 -6.01 -11.47
C VAL B 448 -12.68 -6.78 -10.90
N THR B 449 -12.50 -7.42 -9.76
CA THR B 449 -13.59 -8.21 -9.16
C THR B 449 -14.75 -7.30 -8.80
N ASP B 450 -14.44 -6.07 -8.40
CA ASP B 450 -15.45 -5.09 -8.04
C ASP B 450 -16.18 -4.62 -9.30
N MET B 451 -15.45 -4.38 -10.38
CA MET B 451 -16.07 -3.86 -11.60
C MET B 451 -16.67 -4.98 -12.43
N ALA B 452 -16.30 -6.22 -12.16
CA ALA B 452 -16.84 -7.39 -12.85
C ALA B 452 -17.02 -7.16 -14.37
N PRO B 453 -15.92 -6.85 -15.07
CA PRO B 453 -16.00 -6.45 -16.49
C PRO B 453 -16.67 -7.48 -17.39
N TRP B 454 -16.55 -8.76 -17.03
CA TRP B 454 -17.24 -9.84 -17.77
C TRP B 454 -18.73 -9.62 -17.83
N LYS B 455 -19.32 -9.15 -16.74
CA LYS B 455 -20.73 -8.77 -16.74
C LYS B 455 -20.94 -7.47 -17.53
N LEU B 456 -19.98 -6.56 -17.46
CA LEU B 456 -20.12 -5.27 -18.16
C LEU B 456 -20.24 -5.42 -19.68
N VAL B 457 -19.62 -6.44 -20.26
CA VAL B 457 -19.70 -6.64 -21.72
C VAL B 457 -21.17 -6.65 -22.19
N LYS B 458 -22.05 -7.29 -21.43
CA LYS B 458 -23.50 -7.21 -21.68
C LYS B 458 -24.15 -5.93 -21.11
N THR B 459 -24.01 -5.69 -19.80
CA THR B 459 -24.78 -4.64 -19.11
C THR B 459 -24.36 -3.18 -19.38
N ASP B 460 -23.12 -2.95 -19.84
CA ASP B 460 -22.66 -1.57 -20.12
C ASP B 460 -21.29 -1.51 -20.80
N PRO B 461 -21.28 -1.40 -22.13
CA PRO B 461 -20.01 -1.41 -22.85
C PRO B 461 -19.19 -0.13 -22.64
N GLU B 462 -19.86 1.01 -22.46
CA GLU B 462 -19.19 2.30 -22.30
C GLU B 462 -18.25 2.27 -21.07
N ARG B 463 -18.72 1.64 -19.98
CA ARG B 463 -17.97 1.54 -18.74
C ARG B 463 -16.80 0.56 -18.88
N LEU B 464 -17.03 -0.55 -19.57
CA LEU B 464 -16.00 -1.56 -19.77
C LEU B 464 -14.74 -0.93 -20.33
N ARG B 465 -14.90 0.06 -21.19
CA ARG B 465 -13.76 0.77 -21.75
C ARG B 465 -12.93 1.39 -20.65
N THR B 466 -13.57 2.17 -19.78
CA THR B 466 -12.86 2.80 -18.68
C THR B 466 -12.15 1.72 -17.84
N VAL B 467 -12.86 0.65 -17.51
CA VAL B 467 -12.30 -0.41 -16.64
C VAL B 467 -11.14 -1.17 -17.31
N LEU B 468 -11.32 -1.56 -18.57
CA LEU B 468 -10.24 -2.23 -19.30
C LEU B 468 -9.00 -1.38 -19.31
N TYR B 469 -9.15 -0.12 -19.72
CA TYR B 469 -8.00 0.74 -19.89
C TYR B 469 -7.16 0.80 -18.63
N ILE B 470 -7.82 1.04 -17.49
CA ILE B 470 -7.13 1.15 -16.20
C ILE B 470 -6.40 -0.14 -15.88
N THR B 471 -7.12 -1.25 -15.90
CA THR B 471 -6.49 -2.53 -15.67
C THR B 471 -5.26 -2.70 -16.54
N LEU B 472 -5.44 -2.53 -17.86
CA LEU B 472 -4.34 -2.69 -18.83
C LEU B 472 -3.17 -1.80 -18.43
N GLU B 473 -3.45 -0.52 -18.26
CA GLU B 473 -2.39 0.45 -17.99
C GLU B 473 -1.70 0.11 -16.67
N GLY B 474 -2.45 -0.43 -15.71
CA GLY B 474 -1.88 -0.87 -14.44
C GLY B 474 -1.01 -2.12 -14.58
N VAL B 475 -1.51 -3.08 -15.34
CA VAL B 475 -0.71 -4.27 -15.63
C VAL B 475 0.60 -3.91 -16.33
N ARG B 476 0.59 -2.85 -17.13
CA ARG B 476 1.79 -2.47 -17.84
C ARG B 476 2.81 -1.88 -16.89
N VAL B 477 2.38 -0.97 -16.03
CA VAL B 477 3.30 -0.27 -15.15
C VAL B 477 3.88 -1.25 -14.13
N THR B 478 3.03 -2.03 -13.48
CA THR B 478 3.53 -3.07 -12.59
C THR B 478 4.54 -4.01 -13.29
N THR B 479 4.20 -4.49 -14.50
CA THR B 479 5.13 -5.31 -15.27
C THR B 479 6.44 -4.57 -15.60
N LEU B 480 6.35 -3.28 -15.92
CA LEU B 480 7.55 -2.51 -16.24
C LEU B 480 8.50 -2.54 -15.05
N LEU B 481 7.98 -2.22 -13.87
CA LEU B 481 8.82 -2.20 -12.67
C LEU B 481 9.22 -3.61 -12.22
N LEU B 482 8.45 -4.63 -12.63
CA LEU B 482 8.81 -6.02 -12.35
C LEU B 482 9.82 -6.60 -13.35
N SER B 483 10.09 -5.90 -14.44
CA SER B 483 10.89 -6.49 -15.52
C SER B 483 12.33 -6.82 -15.10
N PRO B 484 12.87 -6.12 -14.08
CA PRO B 484 14.20 -6.53 -13.58
C PRO B 484 14.16 -7.82 -12.78
N ILE B 485 13.01 -8.17 -12.24
CA ILE B 485 12.88 -9.41 -11.46
C ILE B 485 12.53 -10.58 -12.39
N LEU B 486 11.60 -10.36 -13.30
CA LEU B 486 11.13 -11.38 -14.24
C LEU B 486 11.39 -10.91 -15.67
N PRO B 487 12.67 -10.86 -16.10
CA PRO B 487 12.99 -10.25 -17.41
C PRO B 487 12.36 -10.90 -18.64
N ARG B 488 12.20 -12.22 -18.65
CA ARG B 488 11.63 -12.90 -19.82
C ARG B 488 10.12 -12.81 -19.80
N LYS B 489 9.53 -13.22 -18.68
CA LYS B 489 8.08 -13.21 -18.57
C LYS B 489 7.54 -11.79 -18.82
N SER B 490 8.29 -10.77 -18.42
CA SER B 490 7.90 -9.39 -18.69
C SER B 490 7.73 -9.15 -20.19
N VAL B 491 8.61 -9.74 -20.99
CA VAL B 491 8.50 -9.61 -22.43
C VAL B 491 7.21 -10.26 -22.93
N VAL B 492 6.92 -11.49 -22.48
CA VAL B 492 5.65 -12.16 -22.83
C VAL B 492 4.47 -11.23 -22.49
N ILE B 493 4.44 -10.73 -21.26
CA ILE B 493 3.35 -9.87 -20.79
C ILE B 493 3.23 -8.64 -21.70
N PHE B 494 4.35 -8.03 -22.08
CA PHE B 494 4.28 -6.89 -22.99
C PHE B 494 3.77 -7.30 -24.39
N ASP B 495 4.24 -8.43 -24.91
CA ASP B 495 3.77 -8.92 -26.22
C ASP B 495 2.26 -9.17 -26.19
N MET B 496 1.80 -9.79 -25.11
CA MET B 496 0.38 -10.07 -24.95
C MET B 496 -0.42 -8.79 -24.99
N LEU B 497 -0.03 -7.84 -24.14
CA LEU B 497 -0.65 -6.51 -24.11
C LEU B 497 -0.38 -5.70 -25.38
N GLY B 498 0.62 -6.14 -26.16
CA GLY B 498 0.96 -5.49 -27.43
C GLY B 498 1.56 -4.12 -27.22
N VAL B 499 2.35 -3.97 -26.16
CA VAL B 499 3.00 -2.71 -25.87
C VAL B 499 4.17 -2.54 -26.81
N PRO B 500 4.22 -1.42 -27.54
CA PRO B 500 5.34 -1.19 -28.44
C PRO B 500 6.65 -1.27 -27.69
N GLU B 501 7.70 -1.71 -28.38
CA GLU B 501 9.04 -1.89 -27.79
C GLU B 501 9.57 -0.59 -27.19
N VAL B 502 9.26 0.53 -27.83
CA VAL B 502 9.70 1.84 -27.35
C VAL B 502 9.20 2.15 -25.93
N HIS B 503 7.97 1.74 -25.63
CA HIS B 503 7.34 1.99 -24.32
C HIS B 503 7.65 0.93 -23.27
N ARG B 504 8.63 0.05 -23.55
CA ARG B 504 8.96 -1.03 -22.63
C ARG B 504 10.12 -0.68 -21.71
N LYS B 505 10.85 0.40 -22.02
CA LYS B 505 11.85 0.95 -21.10
C LYS B 505 12.06 2.46 -21.32
N GLY B 506 12.55 3.12 -20.29
CA GLY B 506 12.68 4.57 -20.27
C GLY B 506 11.91 5.10 -19.07
N ILE B 507 12.53 6.02 -18.33
CA ILE B 507 11.91 6.62 -17.13
C ILE B 507 10.60 7.29 -17.50
N GLU B 508 10.53 7.79 -18.72
CA GLU B 508 9.34 8.46 -19.24
C GLU B 508 8.09 7.59 -19.25
N ASN B 509 8.21 6.31 -19.60
CA ASN B 509 7.05 5.41 -19.66
C ASN B 509 6.65 4.85 -18.30
N PHE B 510 7.35 5.25 -17.24
CA PHE B 510 6.87 5.03 -15.89
C PHE B 510 5.54 5.77 -15.69
N GLU B 511 5.37 6.88 -16.42
CA GLU B 511 4.15 7.70 -16.38
C GLU B 511 2.91 6.95 -16.88
N PHE B 512 1.76 7.34 -16.33
CA PHE B 512 0.46 6.71 -16.57
C PHE B 512 -0.07 7.05 -17.97
N GLY B 513 -0.42 6.03 -18.72
CA GLY B 513 -0.99 6.21 -20.05
C GLY B 513 0.02 6.47 -21.16
N ALA B 514 1.25 6.02 -20.97
CA ALA B 514 2.25 6.08 -22.05
C ALA B 514 1.75 5.39 -23.31
N VAL B 515 1.00 4.29 -23.14
CA VAL B 515 0.44 3.57 -24.28
C VAL B 515 -0.92 4.17 -24.61
N PRO B 516 -1.10 4.64 -25.85
CA PRO B 516 -2.32 5.29 -26.30
C PRO B 516 -3.42 4.31 -26.63
N PRO B 517 -4.67 4.72 -26.42
CA PRO B 517 -5.80 3.92 -26.90
C PRO B 517 -5.71 3.67 -28.40
N GLY B 518 -6.24 2.54 -28.85
CA GLY B 518 -6.17 2.13 -30.24
C GLY B 518 -4.97 1.27 -30.50
N THR B 519 -4.25 0.90 -29.43
CA THR B 519 -3.11 0.00 -29.55
C THR B 519 -3.65 -1.44 -29.56
N ARG B 520 -3.18 -2.24 -30.51
CA ARG B 520 -3.65 -3.61 -30.65
C ARG B 520 -2.92 -4.55 -29.72
N LEU B 521 -3.66 -5.44 -29.08
CA LEU B 521 -3.05 -6.54 -28.36
C LEU B 521 -2.27 -7.42 -29.35
N GLY B 522 -1.26 -8.13 -28.85
CA GLY B 522 -0.57 -9.13 -29.65
C GLY B 522 -1.40 -10.40 -29.65
N PRO B 523 -1.10 -11.33 -30.57
CA PRO B 523 -1.89 -12.55 -30.67
C PRO B 523 -1.70 -13.45 -29.46
N ALA B 524 -2.72 -14.24 -29.13
CA ALA B 524 -2.66 -15.18 -28.01
C ALA B 524 -2.68 -16.60 -28.56
N VAL B 525 -1.69 -17.41 -28.17
CA VAL B 525 -1.53 -18.78 -28.69
C VAL B 525 -2.58 -19.74 -28.08
N GLU B 526 -3.05 -20.70 -28.88
CA GLU B 526 -4.19 -21.56 -28.52
C GLU B 526 -3.94 -22.51 -27.34
N GLY B 527 -4.45 -22.15 -26.16
CA GLY B 527 -4.38 -22.99 -24.96
C GLY B 527 -3.23 -22.68 -24.01
N GLU B 528 -2.58 -21.54 -24.22
CA GLU B 528 -1.39 -21.15 -23.46
C GLU B 528 -1.68 -20.69 -22.03
N VAL B 529 -0.60 -20.48 -21.27
CA VAL B 529 -0.65 -19.81 -19.97
C VAL B 529 0.68 -19.12 -19.72
N LEU B 530 0.71 -18.21 -18.75
CA LEU B 530 1.91 -17.43 -18.43
C LEU B 530 2.74 -18.17 -17.38
N PHE B 531 2.11 -18.46 -16.26
CA PHE B 531 2.70 -19.18 -15.15
C PHE B 531 1.82 -20.36 -14.78
N SER B 532 2.13 -21.56 -15.28
CA SER B 532 1.37 -22.75 -14.92
C SER B 532 1.62 -23.11 -13.47
N LYS B 533 0.56 -23.56 -12.80
CA LYS B 533 0.61 -23.87 -11.37
C LYS B 533 1.17 -25.28 -11.21
N ARG B 534 1.68 -25.59 -10.03
CA ARG B 534 2.12 -26.95 -9.69
C ARG B 534 1.60 -27.34 -8.33
N SER B 535 1.25 -28.61 -8.17
CA SER B 535 0.51 -29.09 -6.99
C SER B 535 1.41 -29.82 -5.99
N THR B 536 0.80 -30.36 -4.93
CA THR B 536 1.54 -31.09 -3.87
C THR B 536 0.63 -32.00 -3.04
#